data_9BEH
#
_entry.id   9BEH
#
_cell.length_a   230.112
_cell.length_b   77.477
_cell.length_c   116.031
_cell.angle_alpha   90.00
_cell.angle_beta   113.39
_cell.angle_gamma   90.00
#
_symmetry.space_group_name_H-M   'C 1 2 1'
#
loop_
_entity.id
_entity.type
_entity.pdbx_description
1 polymer GH110A
2 non-polymer 'CHLORIDE ION'
3 non-polymer 'CALCIUM ION'
4 non-polymer 6-O-sulfo-beta-D-galactopyranose
5 non-polymer 6-O-sulfo-alpha-D-galactopyranose
6 water water
#
_entity_poly.entity_id   1
_entity_poly.type   'polypeptide(L)'
_entity_poly.pdbx_seq_one_letter_code
;MGSSHHHHHHSSGLVPRGSHMASKEVLTFEPVAQDMTPIIRSALKNVKDKDLKIVFKKGTYKFLPEYASSEYRRITNHGN
GLKKIAFSLDGFDSVEIEGAGSEFVFHGQIAPFEFYNNKSVKVSNITIDWDIPFTFVAEVLSVNEKLGYRDVRPVKGDHQ
WDLKGGKIRFPNVDGFSYNYLGSTLAWDKNEKRVVHGGIDSKSKSDDVEDLGNGVLRIHERLKDYPPVGSLTSSKGDRET
HRYAPAFQVKNSKNIVFDNVVIHHALGMGFLFEKSEDIQILNSGVYLRDGSERLISTTADATHFANCKGDILIENSRFEN
MLDDGANVHGTYTIVDKIIDSHTVMVKFGHFEQTGFEFTGQDDEIWFIHQPNTKRESVNTVESVNVINEAYTQIKFKNRL
PKQLAKGDLLENKTWNPTFTMRKTIIKNHRARNVVLKTPLKTVIEENFFSSMMSSILFRGETFFWYESGAVEDVLIRNNT
FDYVAYAGKPHAVLNITPRLSKSFNQDEIYDRNIRFENNTINSFGNRIVWADRVGGLTVSGNTINRNINQPVLHPDSPLF
EFVNSENIELKNNTYNGKVQRVLIVDDSSKGTLIDDGSIK
;
_entity_poly.pdbx_strand_id   A,B
#
# COMPACT_ATOMS: atom_id res chain seq x y z
N LYS A 24 8.80 -11.61 -36.81
CA LYS A 24 9.28 -10.40 -36.16
C LYS A 24 8.39 -9.19 -36.47
N GLU A 25 7.69 -8.68 -35.46
CA GLU A 25 6.85 -7.51 -35.62
C GLU A 25 7.65 -6.23 -35.45
N VAL A 26 7.24 -5.19 -36.17
CA VAL A 26 7.88 -3.89 -36.13
C VAL A 26 6.77 -2.87 -36.02
N LEU A 27 6.71 -2.17 -34.89
CA LEU A 27 5.72 -1.13 -34.65
C LEU A 27 6.36 0.24 -34.76
N THR A 28 5.67 1.17 -35.42
CA THR A 28 6.14 2.53 -35.60
C THR A 28 5.15 3.50 -35.00
N PHE A 29 5.64 4.56 -34.37
CA PHE A 29 4.75 5.51 -33.70
C PHE A 29 5.17 6.94 -33.99
N GLU A 30 4.20 7.84 -33.84
CA GLU A 30 4.38 9.26 -34.07
C GLU A 30 3.68 10.03 -32.95
N PRO A 31 4.08 11.27 -32.70
CA PRO A 31 3.47 12.03 -31.59
C PRO A 31 2.03 12.49 -31.88
N VAL A 32 1.11 11.53 -31.91
CA VAL A 32 -0.22 11.77 -32.46
C VAL A 32 -1.15 12.40 -31.43
N ALA A 33 -1.16 11.91 -30.19
CA ALA A 33 -2.12 12.33 -29.19
C ALA A 33 -1.41 12.93 -27.98
N GLN A 34 -2.11 13.83 -27.28
CA GLN A 34 -1.51 14.49 -26.12
C GLN A 34 -1.14 13.49 -25.02
N ASP A 35 -1.77 12.32 -25.00
CA ASP A 35 -1.43 11.24 -24.09
C ASP A 35 -1.19 9.98 -24.91
N MET A 36 0.08 9.57 -25.00
CA MET A 36 0.43 8.39 -25.80
C MET A 36 0.21 7.07 -25.08
N THR A 37 -0.11 7.09 -23.78
CA THR A 37 -0.24 5.84 -23.04
C THR A 37 -1.29 4.90 -23.64
N PRO A 38 -2.52 5.35 -23.95
CA PRO A 38 -3.51 4.41 -24.51
C PRO A 38 -3.07 3.81 -25.84
N ILE A 39 -2.40 4.59 -26.69
CA ILE A 39 -1.93 4.04 -27.97
C ILE A 39 -0.88 2.97 -27.75
N ILE A 40 0.11 3.23 -26.91
CA ILE A 40 1.14 2.22 -26.64
C ILE A 40 0.51 1.01 -25.96
N ARG A 41 -0.39 1.25 -25.00
CA ARG A 41 -1.03 0.16 -24.28
C ARG A 41 -1.74 -0.79 -25.23
N SER A 42 -2.51 -0.23 -26.17
CA SER A 42 -3.28 -1.06 -27.08
C SER A 42 -2.37 -1.86 -28.01
N ALA A 43 -1.41 -1.18 -28.63
CA ALA A 43 -0.49 -1.86 -29.55
C ALA A 43 0.25 -2.98 -28.85
N LEU A 44 0.85 -2.71 -27.68
CA LEU A 44 1.59 -3.76 -26.98
C LEU A 44 0.71 -4.95 -26.60
N LYS A 45 -0.58 -4.72 -26.32
CA LYS A 45 -1.47 -5.82 -25.96
C LYS A 45 -1.73 -6.78 -27.13
N ASN A 46 -1.75 -6.27 -28.35
CA ASN A 46 -2.04 -7.14 -29.50
C ASN A 46 -0.79 -7.77 -30.11
N VAL A 47 0.40 -7.51 -29.55
CA VAL A 47 1.62 -8.13 -30.07
C VAL A 47 1.53 -9.63 -29.84
N LYS A 48 2.03 -10.40 -30.81
CA LYS A 48 1.98 -11.86 -30.69
C LYS A 48 3.34 -12.51 -30.90
N ASP A 49 4.17 -11.93 -31.77
CA ASP A 49 5.42 -12.59 -32.10
C ASP A 49 6.45 -12.40 -31.00
N LYS A 50 7.37 -13.36 -30.89
CA LYS A 50 8.35 -13.31 -29.82
C LYS A 50 9.53 -12.39 -30.16
N ASP A 51 9.51 -11.71 -31.30
CA ASP A 51 10.52 -10.71 -31.62
C ASP A 51 9.82 -9.41 -31.95
N LEU A 52 10.13 -8.37 -31.18
CA LEU A 52 9.48 -7.09 -31.37
C LEU A 52 10.52 -5.98 -31.47
N LYS A 53 10.24 -5.02 -32.34
CA LYS A 53 11.00 -3.79 -32.42
C LYS A 53 10.02 -2.65 -32.47
N ILE A 54 10.25 -1.62 -31.65
CA ILE A 54 9.38 -0.45 -31.59
C ILE A 54 10.20 0.76 -32.01
N VAL A 55 9.71 1.48 -33.01
CA VAL A 55 10.39 2.66 -33.53
C VAL A 55 9.51 3.87 -33.29
N PHE A 56 10.10 4.93 -32.77
CA PHE A 56 9.41 6.20 -32.56
C PHE A 56 10.01 7.25 -33.48
N LYS A 57 9.15 7.98 -34.19
CA LYS A 57 9.63 9.12 -34.95
C LYS A 57 10.11 10.20 -33.98
N LYS A 58 11.25 10.79 -34.29
CA LYS A 58 11.88 11.76 -33.41
C LYS A 58 10.89 12.84 -33.00
N GLY A 59 10.58 12.91 -31.72
CA GLY A 59 9.68 13.93 -31.23
C GLY A 59 9.49 13.80 -29.72
N THR A 60 8.55 14.58 -29.20
CA THR A 60 8.26 14.60 -27.77
C THR A 60 6.95 13.86 -27.54
N TYR A 61 7.01 12.80 -26.73
CA TYR A 61 5.84 11.98 -26.39
C TYR A 61 5.56 12.11 -24.90
N LYS A 62 4.30 12.35 -24.55
CA LYS A 62 3.88 12.45 -23.16
C LYS A 62 3.01 11.26 -22.80
N PHE A 63 3.24 10.70 -21.62
CA PHE A 63 2.55 9.51 -21.12
C PHE A 63 1.94 9.83 -19.76
N LEU A 64 0.63 9.71 -19.66
CA LEU A 64 0.00 9.84 -18.36
C LEU A 64 -0.32 8.46 -17.81
N PRO A 65 -0.38 8.32 -16.47
CA PRO A 65 -0.70 7.01 -15.89
C PRO A 65 -2.19 6.68 -15.86
N GLU A 66 -3.06 7.70 -16.02
CA GLU A 66 -4.51 7.53 -15.82
C GLU A 66 -5.06 6.30 -16.52
N TYR A 67 -4.70 6.09 -17.79
CA TYR A 67 -5.21 4.95 -18.54
C TYR A 67 -4.16 3.89 -18.77
N ALA A 68 -3.08 3.90 -17.99
CA ALA A 68 -2.05 2.90 -18.13
C ALA A 68 -2.50 1.57 -17.54
N SER A 69 -1.96 0.49 -18.09
CA SER A 69 -2.11 -0.80 -17.44
C SER A 69 -1.60 -0.75 -16.00
N SER A 70 -2.24 -1.52 -15.13
CA SER A 70 -1.83 -1.59 -13.74
C SER A 70 -1.64 -3.04 -13.37
N GLU A 71 -0.50 -3.35 -12.78
CA GLU A 71 -0.20 -4.68 -12.27
C GLU A 71 0.42 -4.56 -10.89
N TYR A 72 0.17 -5.57 -10.06
CA TYR A 72 0.95 -5.68 -8.84
C TYR A 72 2.36 -6.12 -9.19
N ARG A 73 3.36 -5.39 -8.70
CA ARG A 73 4.75 -5.63 -9.07
C ARG A 73 5.61 -5.79 -7.83
N ARG A 74 6.67 -6.59 -7.97
CA ARG A 74 7.71 -6.75 -6.95
C ARG A 74 8.97 -6.10 -7.50
N ILE A 75 9.49 -5.11 -6.78
CA ILE A 75 10.64 -4.34 -7.26
C ILE A 75 11.68 -4.30 -6.15
N THR A 76 12.82 -4.95 -6.38
CA THR A 76 13.83 -5.00 -5.33
C THR A 76 14.30 -3.61 -4.97
N ASN A 77 14.57 -3.41 -3.68
CA ASN A 77 15.12 -2.15 -3.17
C ASN A 77 14.21 -0.96 -3.48
N HIS A 78 12.94 -1.24 -3.80
CA HIS A 78 11.83 -0.30 -3.91
C HIS A 78 10.64 -0.89 -3.14
N GLY A 79 9.54 -0.13 -3.08
CA GLY A 79 8.30 -0.63 -2.49
C GLY A 79 7.48 -1.42 -3.49
N ASN A 80 6.98 -2.58 -3.05
CA ASN A 80 6.08 -3.35 -3.89
C ASN A 80 4.67 -2.73 -3.86
N GLY A 81 3.83 -3.13 -4.79
CA GLY A 81 2.46 -2.63 -4.82
C GLY A 81 1.88 -2.60 -6.22
N LEU A 82 0.67 -2.07 -6.31
CA LEU A 82 0.02 -1.85 -7.60
C LEU A 82 0.73 -0.70 -8.32
N LYS A 83 1.20 -0.95 -9.55
CA LYS A 83 1.92 0.06 -10.33
C LYS A 83 1.17 0.38 -11.61
N LYS A 84 1.14 1.65 -11.98
CA LYS A 84 0.81 2.03 -13.33
C LYS A 84 2.07 1.94 -14.19
N ILE A 85 1.98 1.21 -15.31
CA ILE A 85 3.15 0.91 -16.15
C ILE A 85 2.89 1.37 -17.57
N ALA A 86 3.82 2.15 -18.13
CA ALA A 86 3.64 2.66 -19.49
C ALA A 86 4.08 1.64 -20.52
N PHE A 87 5.27 1.05 -20.34
CA PHE A 87 5.82 0.04 -21.26
C PHE A 87 6.11 -1.22 -20.46
N SER A 88 5.39 -2.28 -20.77
CA SER A 88 5.61 -3.56 -20.10
C SER A 88 5.86 -4.59 -21.17
N LEU A 89 7.10 -5.08 -21.24
CA LEU A 89 7.57 -5.97 -22.28
C LEU A 89 8.02 -7.24 -21.61
N ASP A 90 7.23 -8.30 -21.77
CA ASP A 90 7.38 -9.53 -21.00
C ASP A 90 7.39 -10.72 -21.94
N GLY A 91 8.42 -11.58 -21.83
CA GLY A 91 8.42 -12.88 -22.51
C GLY A 91 9.02 -12.95 -23.90
N PHE A 92 9.67 -11.90 -24.39
CA PHE A 92 10.16 -11.87 -25.76
C PHE A 92 11.48 -12.63 -25.94
N ASP A 93 11.68 -13.17 -27.15
CA ASP A 93 13.00 -13.65 -27.56
C ASP A 93 13.94 -12.47 -27.78
N SER A 94 13.45 -11.43 -28.42
CA SER A 94 14.17 -10.18 -28.54
C SER A 94 13.14 -9.07 -28.60
N VAL A 95 13.40 -7.99 -27.89
CA VAL A 95 12.55 -6.80 -27.91
C VAL A 95 13.47 -5.59 -27.97
N GLU A 96 13.15 -4.63 -28.84
CA GLU A 96 14.04 -3.49 -29.04
C GLU A 96 13.24 -2.22 -29.21
N ILE A 97 13.70 -1.15 -28.56
CA ILE A 97 13.02 0.15 -28.61
C ILE A 97 14.00 1.14 -29.19
N GLU A 98 13.61 1.77 -30.30
CA GLU A 98 14.43 2.76 -30.99
C GLU A 98 13.75 4.10 -30.83
N GLY A 99 14.33 4.96 -29.99
CA GLY A 99 13.75 6.26 -29.74
C GLY A 99 14.09 7.30 -30.77
N ALA A 100 15.13 7.08 -31.58
CA ALA A 100 15.55 8.04 -32.62
C ALA A 100 15.75 9.44 -32.05
N GLY A 101 16.24 9.50 -30.81
CA GLY A 101 16.44 10.80 -30.18
C GLY A 101 15.20 11.42 -29.60
N SER A 102 14.09 10.68 -29.49
CA SER A 102 12.86 11.26 -28.95
C SER A 102 13.01 11.61 -27.47
N GLU A 103 12.11 12.44 -26.99
CA GLU A 103 11.97 12.71 -25.56
C GLU A 103 10.64 12.15 -25.07
N PHE A 104 10.70 11.35 -24.01
CA PHE A 104 9.52 10.74 -23.39
C PHE A 104 9.28 11.45 -22.08
N VAL A 105 8.15 12.15 -21.97
CA VAL A 105 7.78 12.90 -20.77
C VAL A 105 6.72 12.10 -20.01
N PHE A 106 7.00 11.79 -18.74
CA PHE A 106 6.07 11.05 -17.91
C PHE A 106 5.44 11.97 -16.88
N HIS A 107 4.41 11.45 -16.22
CA HIS A 107 3.56 12.26 -15.35
C HIS A 107 3.14 11.42 -14.15
N GLY A 108 3.31 11.96 -12.94
CA GLY A 108 2.78 11.31 -11.76
C GLY A 108 3.48 10.02 -11.35
N GLN A 109 2.72 9.15 -10.70
CA GLN A 109 3.25 7.88 -10.21
C GLN A 109 3.10 6.84 -11.33
N ILE A 110 4.20 6.56 -12.02
CA ILE A 110 4.20 5.62 -13.12
C ILE A 110 5.58 4.98 -13.22
N ALA A 111 5.58 3.72 -13.67
CA ALA A 111 6.79 3.01 -14.06
C ALA A 111 6.95 3.09 -15.56
N PRO A 112 7.96 3.82 -16.07
CA PRO A 112 8.09 3.95 -17.54
C PRO A 112 8.29 2.63 -18.27
N PHE A 113 9.25 1.79 -17.84
CA PHE A 113 9.64 0.60 -18.58
C PHE A 113 9.86 -0.58 -17.65
N GLU A 114 9.32 -1.73 -18.03
CA GLU A 114 9.55 -3.00 -17.36
C GLU A 114 9.89 -4.03 -18.42
N PHE A 115 11.05 -4.67 -18.31
CA PHE A 115 11.44 -5.77 -19.19
C PHE A 115 11.61 -7.02 -18.35
N TYR A 116 10.63 -7.93 -18.43
CA TYR A 116 10.65 -9.18 -17.69
C TYR A 116 10.80 -10.35 -18.65
N ASN A 117 11.67 -11.29 -18.33
CA ASN A 117 11.69 -12.60 -18.99
C ASN A 117 12.02 -12.50 -20.48
N ASN A 118 13.02 -11.70 -20.84
CA ASN A 118 13.39 -11.48 -22.23
C ASN A 118 14.78 -12.03 -22.49
N LYS A 119 14.94 -12.75 -23.59
CA LYS A 119 16.23 -13.29 -23.95
C LYS A 119 17.14 -12.27 -24.62
N SER A 120 16.63 -11.08 -24.92
CA SER A 120 17.44 -10.01 -25.48
C SER A 120 16.66 -8.72 -25.35
N VAL A 121 17.34 -7.65 -24.97
CA VAL A 121 16.73 -6.35 -24.75
C VAL A 121 17.72 -5.27 -25.19
N LYS A 122 17.23 -4.28 -25.93
CA LYS A 122 18.01 -3.13 -26.37
C LYS A 122 17.12 -1.91 -26.37
N VAL A 123 17.57 -0.83 -25.71
CA VAL A 123 16.89 0.45 -25.77
C VAL A 123 17.94 1.50 -26.12
N SER A 124 17.59 2.41 -27.02
CA SER A 124 18.60 3.33 -27.49
C SER A 124 18.02 4.66 -27.94
N ASN A 125 18.83 5.71 -27.77
CA ASN A 125 18.56 7.05 -28.28
C ASN A 125 17.24 7.60 -27.73
N ILE A 126 17.19 7.74 -26.41
CA ILE A 126 15.98 8.22 -25.78
C ILE A 126 16.30 9.01 -24.52
N THR A 127 15.51 10.05 -24.28
CA THR A 127 15.60 10.86 -23.08
C THR A 127 14.31 10.70 -22.28
N ILE A 128 14.46 10.42 -20.98
CA ILE A 128 13.34 10.22 -20.06
C ILE A 128 13.28 11.41 -19.13
N ASP A 129 12.08 11.94 -18.92
CA ASP A 129 11.90 12.99 -17.93
C ASP A 129 10.44 13.00 -17.51
N TRP A 130 10.16 13.75 -16.45
CA TRP A 130 8.83 13.97 -15.90
C TRP A 130 8.39 15.38 -16.25
N ASP A 131 7.07 15.61 -16.24
CA ASP A 131 6.58 16.98 -16.44
C ASP A 131 6.67 17.80 -15.15
N ILE A 132 6.42 17.17 -14.01
CA ILE A 132 6.51 17.80 -12.70
C ILE A 132 7.27 16.85 -11.79
N PRO A 133 8.46 17.20 -11.33
CA PRO A 133 9.25 16.27 -10.50
C PRO A 133 8.60 16.04 -9.16
N PHE A 134 8.92 14.90 -8.55
CA PHE A 134 8.44 14.57 -7.21
C PHE A 134 9.44 15.03 -6.15
N THR A 135 9.75 16.32 -6.19
CA THR A 135 10.73 16.92 -5.30
C THR A 135 10.22 18.27 -4.81
N PHE A 136 10.78 18.72 -3.69
CA PHE A 136 10.55 20.07 -3.19
C PHE A 136 11.90 20.71 -2.98
N VAL A 137 12.17 21.77 -3.72
CA VAL A 137 13.46 22.44 -3.76
C VAL A 137 13.26 23.89 -3.36
N ALA A 138 14.05 24.36 -2.39
CA ALA A 138 13.87 25.71 -1.90
C ALA A 138 15.24 26.30 -1.50
N GLU A 139 15.37 27.60 -1.67
CA GLU A 139 16.57 28.31 -1.25
C GLU A 139 16.40 28.77 0.19
N VAL A 140 17.43 28.54 1.00
CA VAL A 140 17.40 28.91 2.42
C VAL A 140 17.72 30.41 2.54
N LEU A 141 16.77 31.17 3.07
CA LEU A 141 16.89 32.60 3.25
C LEU A 141 17.40 33.00 4.63
N SER A 142 16.84 32.41 5.70
CA SER A 142 17.42 32.57 7.03
C SER A 142 17.03 31.40 7.93
N VAL A 143 17.81 31.22 8.99
CA VAL A 143 17.62 30.15 9.97
C VAL A 143 17.61 30.79 11.35
N ASN A 144 16.59 30.47 12.14
CA ASN A 144 16.47 30.91 13.54
C ASN A 144 16.50 29.65 14.40
N GLU A 145 17.70 29.29 14.88
CA GLU A 145 17.80 28.09 15.71
C GLU A 145 17.23 28.31 17.11
N LYS A 146 17.28 29.54 17.61
CA LYS A 146 16.72 29.81 18.94
C LYS A 146 15.23 29.49 18.99
N LEU A 147 14.49 29.92 17.98
CA LEU A 147 13.05 29.69 17.89
C LEU A 147 12.69 28.47 17.05
N GLY A 148 13.66 27.77 16.48
CA GLY A 148 13.42 26.57 15.70
C GLY A 148 12.57 26.78 14.47
N TYR A 149 13.01 27.63 13.54
CA TYR A 149 12.36 27.74 12.25
C TYR A 149 13.41 28.13 11.22
N ARG A 150 13.02 28.03 9.95
CA ARG A 150 13.83 28.47 8.83
C ARG A 150 12.92 29.05 7.77
N ASP A 151 13.41 30.06 7.05
CA ASP A 151 12.65 30.72 6.00
C ASP A 151 13.28 30.35 4.68
N VAL A 152 12.44 29.93 3.72
CA VAL A 152 12.92 29.39 2.45
C VAL A 152 12.04 29.91 1.32
N ARG A 153 12.66 30.15 0.17
CA ARG A 153 11.94 30.51 -1.05
C ARG A 153 11.89 29.29 -1.96
N PRO A 154 10.72 28.68 -2.17
CA PRO A 154 10.64 27.52 -3.05
C PRO A 154 11.00 27.87 -4.49
N VAL A 155 11.78 27.00 -5.11
CA VAL A 155 12.08 27.11 -6.53
C VAL A 155 10.81 26.81 -7.33
N LYS A 156 10.52 27.63 -8.34
CA LYS A 156 9.35 27.28 -9.13
C LYS A 156 9.68 26.33 -10.28
N GLY A 157 10.26 26.82 -11.37
CA GLY A 157 10.38 26.03 -12.58
C GLY A 157 9.14 25.21 -12.91
N ASP A 158 9.28 23.89 -13.04
CA ASP A 158 8.12 23.01 -13.13
C ASP A 158 7.88 22.23 -11.85
N HIS A 159 8.37 22.74 -10.72
CA HIS A 159 7.97 22.23 -9.42
C HIS A 159 6.55 22.66 -9.10
N GLN A 160 5.87 21.88 -8.26
CA GLN A 160 4.50 22.16 -7.87
C GLN A 160 4.35 21.81 -6.41
N TRP A 161 3.56 22.62 -5.70
CA TRP A 161 3.37 22.54 -4.27
C TRP A 161 2.34 23.59 -3.86
N ASP A 162 1.86 23.48 -2.62
CA ASP A 162 0.96 24.48 -2.03
C ASP A 162 0.91 24.22 -0.53
N LEU A 163 0.10 25.03 0.15
CA LEU A 163 -0.10 24.94 1.59
C LEU A 163 -1.52 24.45 1.89
N LYS A 164 -1.66 23.64 2.93
CA LYS A 164 -2.96 23.23 3.43
C LYS A 164 -2.80 22.52 4.76
N GLY A 165 -3.64 22.86 5.74
CA GLY A 165 -3.52 22.29 7.06
C GLY A 165 -2.27 22.74 7.77
N GLY A 166 -1.76 23.92 7.43
CA GLY A 166 -0.54 24.38 8.05
C GLY A 166 0.70 23.60 7.66
N LYS A 167 0.68 22.89 6.53
CA LYS A 167 1.83 22.10 6.11
C LYS A 167 1.96 22.12 4.59
N ILE A 168 3.16 21.77 4.13
CA ILE A 168 3.47 21.76 2.70
C ILE A 168 2.92 20.49 2.08
N ARG A 169 2.35 20.62 0.88
CA ARG A 169 1.92 19.49 0.07
C ARG A 169 2.60 19.56 -1.28
N PHE A 170 3.20 18.45 -1.70
CA PHE A 170 3.86 18.35 -2.99
C PHE A 170 3.93 16.88 -3.37
N PRO A 171 3.92 16.57 -4.68
CA PRO A 171 3.80 17.54 -5.76
C PRO A 171 2.35 17.90 -6.17
N ASN A 172 1.35 17.37 -5.48
CA ASN A 172 -0.05 17.56 -5.86
C ASN A 172 -0.30 17.14 -7.31
N VAL A 173 0.15 15.95 -7.66
CA VAL A 173 -0.04 15.42 -9.01
C VAL A 173 -1.05 14.29 -8.95
N ASP A 174 -2.16 14.43 -9.69
CA ASP A 174 -3.22 13.41 -9.74
C ASP A 174 -3.72 13.08 -8.34
N GLY A 175 -3.76 14.10 -7.49
CA GLY A 175 -4.24 13.96 -6.14
C GLY A 175 -3.26 13.36 -5.18
N PHE A 176 -1.99 13.25 -5.53
CA PHE A 176 -1.00 12.70 -4.62
C PHE A 176 -0.11 13.78 -4.01
N SER A 177 0.07 13.67 -2.70
CA SER A 177 0.95 14.57 -1.98
C SER A 177 1.62 13.76 -0.88
N TYR A 178 2.90 14.05 -0.63
CA TYR A 178 3.58 13.42 0.48
C TYR A 178 3.05 13.99 1.79
N ASN A 179 3.35 13.30 2.90
CA ASN A 179 2.94 13.84 4.18
C ASN A 179 3.92 14.91 4.67
N TYR A 180 5.22 14.71 4.44
CA TYR A 180 6.25 15.62 4.90
C TYR A 180 7.32 15.78 3.82
N LEU A 181 8.18 16.78 4.02
CA LEU A 181 9.31 16.93 3.13
C LEU A 181 10.21 15.71 3.19
N GLY A 182 10.31 15.08 4.36
CA GLY A 182 11.14 13.89 4.49
C GLY A 182 12.62 14.24 4.57
N SER A 183 13.46 13.24 4.30
CA SER A 183 14.90 13.46 4.35
C SER A 183 15.31 14.54 3.36
N THR A 184 16.10 15.49 3.84
CA THR A 184 16.36 16.74 3.15
C THR A 184 17.86 17.00 3.16
N LEU A 185 18.39 17.57 2.08
CA LEU A 185 19.82 17.79 1.94
C LEU A 185 20.10 19.15 1.31
N ALA A 186 21.19 19.78 1.73
CA ALA A 186 21.55 21.12 1.30
C ALA A 186 22.53 21.06 0.13
N TRP A 187 22.26 21.84 -0.91
CA TRP A 187 23.07 21.84 -2.12
C TRP A 187 23.61 23.24 -2.39
N ASP A 188 24.81 23.30 -2.95
CA ASP A 188 25.30 24.55 -3.52
C ASP A 188 24.44 24.98 -4.68
N LYS A 189 23.90 26.20 -4.59
CA LYS A 189 22.97 26.70 -5.60
C LYS A 189 23.62 26.80 -6.97
N ASN A 190 24.91 27.17 -7.02
CA ASN A 190 25.57 27.41 -8.31
C ASN A 190 26.11 26.12 -8.93
N GLU A 191 26.78 25.29 -8.14
CA GLU A 191 27.35 24.06 -8.67
C GLU A 191 26.33 22.92 -8.77
N LYS A 192 25.17 23.04 -8.14
CA LYS A 192 24.19 21.95 -8.05
C LYS A 192 24.88 20.66 -7.60
N ARG A 193 25.62 20.78 -6.50
CA ARG A 193 26.20 19.64 -5.82
C ARG A 193 26.01 19.86 -4.33
N VAL A 194 26.17 18.78 -3.54
CA VAL A 194 25.93 18.83 -2.11
C VAL A 194 26.92 19.78 -1.45
N VAL A 195 26.45 20.56 -0.46
CA VAL A 195 27.33 21.55 0.15
C VAL A 195 28.46 20.85 0.90
N HIS A 196 29.56 21.59 1.07
CA HIS A 196 30.66 21.12 1.90
C HIS A 196 30.17 20.86 3.32
N GLY A 197 30.41 19.64 3.81
CA GLY A 197 29.94 19.26 5.13
C GLY A 197 28.48 18.89 5.21
N GLY A 198 27.79 18.77 4.07
CA GLY A 198 26.36 18.51 4.11
C GLY A 198 26.03 17.24 4.87
N ILE A 199 24.94 17.29 5.62
CA ILE A 199 24.42 16.16 6.39
C ILE A 199 22.94 16.02 6.05
N ASP A 200 22.46 14.78 5.91
CA ASP A 200 21.03 14.54 5.72
C ASP A 200 20.24 15.03 6.93
N SER A 201 19.13 15.71 6.66
CA SER A 201 18.27 16.22 7.71
C SER A 201 16.84 15.85 7.40
N LYS A 202 16.17 15.20 8.35
CA LYS A 202 14.78 14.78 8.21
C LYS A 202 13.84 15.91 8.64
N SER A 203 12.97 16.34 7.72
CA SER A 203 12.00 17.41 7.97
C SER A 203 10.61 16.81 8.14
N LYS A 204 9.99 17.08 9.28
CA LYS A 204 8.68 16.54 9.65
C LYS A 204 7.84 17.66 10.28
N SER A 205 7.70 18.78 9.58
CA SER A 205 7.11 19.98 10.15
C SER A 205 5.60 20.02 9.96
N ASP A 206 4.86 20.18 11.06
CA ASP A 206 3.42 20.41 11.02
C ASP A 206 3.04 21.88 10.94
N ASP A 207 4.02 22.79 10.99
CA ASP A 207 3.77 24.23 11.12
C ASP A 207 4.56 25.00 10.07
N VAL A 208 3.90 25.40 8.98
CA VAL A 208 4.54 26.13 7.88
C VAL A 208 3.67 27.34 7.53
N GLU A 209 4.25 28.54 7.61
CA GLU A 209 3.53 29.78 7.34
C GLU A 209 3.85 30.33 5.94
N ASP A 210 2.85 30.93 5.32
CA ASP A 210 3.09 31.77 4.16
C ASP A 210 3.48 33.16 4.66
N LEU A 211 4.72 33.57 4.39
CA LEU A 211 5.18 34.91 4.73
C LEU A 211 4.99 35.89 3.58
N GLY A 212 4.36 35.47 2.49
CA GLY A 212 4.17 36.34 1.35
C GLY A 212 5.43 36.48 0.51
N ASN A 213 5.23 36.94 -0.72
CA ASN A 213 6.32 37.09 -1.69
C ASN A 213 7.05 35.76 -1.92
N GLY A 214 6.29 34.66 -1.88
CA GLY A 214 6.82 33.34 -2.16
C GLY A 214 7.79 32.80 -1.13
N VAL A 215 7.71 33.25 0.11
CA VAL A 215 8.61 32.81 1.18
C VAL A 215 7.79 32.00 2.18
N LEU A 216 8.35 30.86 2.60
CA LEU A 216 7.73 30.00 3.59
C LEU A 216 8.62 29.95 4.82
N ARG A 217 7.99 29.85 5.98
CA ARG A 217 8.68 29.72 7.26
C ARG A 217 8.33 28.34 7.82
N ILE A 218 9.33 27.47 7.90
CA ILE A 218 9.11 26.09 8.33
C ILE A 218 9.51 25.98 9.79
N HIS A 219 8.52 25.81 10.66
CA HIS A 219 8.76 25.67 12.09
C HIS A 219 9.06 24.22 12.41
N GLU A 220 10.30 23.97 12.82
CA GLU A 220 10.71 22.70 13.42
C GLU A 220 12.16 22.85 13.85
N ARG A 221 12.52 22.23 14.97
CA ARG A 221 13.91 22.21 15.39
C ARG A 221 14.63 21.07 14.68
N LEU A 222 15.83 21.34 14.16
CA LEU A 222 16.62 20.34 13.46
C LEU A 222 17.95 20.17 14.16
N LYS A 223 18.48 18.94 14.11
CA LYS A 223 19.83 18.72 14.62
C LYS A 223 20.87 19.37 13.72
N ASP A 224 20.63 19.38 12.40
CA ASP A 224 21.53 20.00 11.43
C ASP A 224 20.70 20.92 10.54
N TYR A 225 20.90 22.23 10.68
CA TYR A 225 20.21 23.18 9.84
C TYR A 225 20.96 23.40 8.53
N PRO A 226 20.26 23.76 7.46
CA PRO A 226 20.94 24.01 6.18
C PRO A 226 21.54 25.40 6.14
N PRO A 227 22.64 25.59 5.39
CA PRO A 227 23.28 26.90 5.34
C PRO A 227 22.47 27.91 4.54
N VAL A 228 22.48 29.16 5.01
CA VAL A 228 21.81 30.23 4.29
C VAL A 228 22.43 30.36 2.90
N GLY A 229 21.58 30.45 1.88
CA GLY A 229 22.02 30.54 0.51
C GLY A 229 22.05 29.23 -0.23
N SER A 230 22.07 28.10 0.48
CA SER A 230 21.99 26.80 -0.16
C SER A 230 20.56 26.52 -0.63
N LEU A 231 20.44 25.57 -1.55
CA LEU A 231 19.15 24.99 -1.92
C LEU A 231 19.04 23.63 -1.23
N THR A 232 17.90 23.40 -0.56
CA THR A 232 17.62 22.08 -0.02
C THR A 232 16.74 21.29 -0.97
N SER A 233 16.92 19.98 -0.95
CA SER A 233 16.11 19.03 -1.71
C SER A 233 15.31 18.20 -0.72
N SER A 234 14.12 17.81 -1.15
CA SER A 234 13.27 16.93 -0.35
C SER A 234 12.51 16.04 -1.33
N LYS A 235 12.45 14.75 -1.04
CA LYS A 235 11.75 13.83 -1.93
C LYS A 235 10.63 13.07 -1.22
N GLY A 236 10.21 13.52 -0.05
CA GLY A 236 8.97 13.03 0.55
C GLY A 236 9.18 11.89 1.53
N ASP A 237 8.08 11.16 1.76
CA ASP A 237 8.04 10.16 2.82
C ASP A 237 8.79 8.89 2.44
N ARG A 238 9.58 8.37 3.39
CA ARG A 238 10.39 7.21 3.11
C ARG A 238 9.55 6.03 2.62
N GLU A 239 8.29 5.93 3.03
CA GLU A 239 7.54 4.72 2.75
C GLU A 239 6.79 4.74 1.42
N THR A 240 6.79 5.85 0.67
CA THR A 240 6.15 5.87 -0.62
C THR A 240 6.98 6.46 -1.76
N HIS A 241 8.16 7.04 -1.49
CA HIS A 241 8.86 7.73 -2.57
C HIS A 241 9.74 6.81 -3.43
N ARG A 242 9.88 5.53 -3.09
CA ARG A 242 10.49 4.54 -3.99
C ARG A 242 9.36 3.81 -4.73
N TYR A 243 8.84 4.47 -5.76
CA TYR A 243 7.68 3.95 -6.48
C TYR A 243 8.07 2.94 -7.56
N ALA A 244 9.05 3.30 -8.41
CA ALA A 244 9.53 2.42 -9.48
C ALA A 244 10.71 3.08 -10.16
N PRO A 245 11.68 2.31 -10.66
CA PRO A 245 12.75 2.91 -11.46
C PRO A 245 12.26 3.25 -12.86
N ALA A 246 13.04 4.09 -13.53
CA ALA A 246 12.77 4.36 -14.94
C ALA A 246 12.80 3.06 -15.74
N PHE A 247 13.76 2.18 -15.46
CA PHE A 247 13.87 0.88 -16.09
C PHE A 247 13.99 -0.16 -15.00
N GLN A 248 13.09 -1.14 -15.03
CA GLN A 248 13.25 -2.36 -14.24
C GLN A 248 13.42 -3.51 -15.22
N VAL A 249 14.57 -4.18 -15.16
CA VAL A 249 14.87 -5.36 -15.94
C VAL A 249 14.90 -6.54 -14.98
N LYS A 250 14.03 -7.54 -15.20
CA LYS A 250 13.92 -8.72 -14.36
C LYS A 250 14.05 -9.96 -15.22
N ASN A 251 14.84 -10.93 -14.74
CA ASN A 251 14.91 -12.25 -15.35
C ASN A 251 15.19 -12.16 -16.85
N SER A 252 16.09 -11.27 -17.24
CA SER A 252 16.38 -11.03 -18.64
C SER A 252 17.87 -11.23 -18.94
N LYS A 253 18.19 -11.16 -20.23
CA LYS A 253 19.49 -11.56 -20.74
C LYS A 253 19.83 -10.68 -21.92
N ASN A 254 21.13 -10.43 -22.13
CA ASN A 254 21.62 -9.69 -23.29
C ASN A 254 20.91 -8.35 -23.42
N ILE A 255 21.19 -7.47 -22.45
CA ILE A 255 20.52 -6.18 -22.32
C ILE A 255 21.52 -5.08 -22.65
N VAL A 256 21.16 -4.18 -23.56
CA VAL A 256 22.01 -3.09 -23.96
C VAL A 256 21.20 -1.81 -23.90
N PHE A 257 21.68 -0.84 -23.13
CA PHE A 257 21.18 0.53 -23.12
C PHE A 257 22.24 1.42 -23.76
N ASP A 258 21.83 2.24 -24.72
CA ASP A 258 22.76 2.96 -25.57
C ASP A 258 22.18 4.32 -25.85
N ASN A 259 22.87 5.36 -25.41
CA ASN A 259 22.41 6.73 -25.60
C ASN A 259 21.03 6.94 -24.97
N VAL A 260 20.85 6.41 -23.76
CA VAL A 260 19.62 6.59 -22.99
C VAL A 260 19.92 7.53 -21.84
N VAL A 261 19.16 8.62 -21.74
CA VAL A 261 19.39 9.66 -20.73
C VAL A 261 18.15 9.78 -19.86
N ILE A 262 18.34 9.79 -18.55
CA ILE A 262 17.25 9.88 -17.58
C ILE A 262 17.41 11.18 -16.80
N HIS A 263 16.39 12.04 -16.84
CA HIS A 263 16.36 13.27 -16.04
C HIS A 263 15.59 13.12 -14.74
N HIS A 264 14.70 12.13 -14.62
CA HIS A 264 13.94 11.96 -13.40
C HIS A 264 13.35 10.55 -13.37
N ALA A 265 13.10 10.06 -12.17
CA ALA A 265 12.42 8.80 -11.94
C ALA A 265 12.00 8.77 -10.48
N LEU A 266 10.90 8.07 -10.20
CA LEU A 266 10.39 7.97 -8.83
C LEU A 266 11.05 6.80 -8.10
N GLY A 267 12.37 6.80 -8.17
CA GLY A 267 13.21 5.73 -7.71
C GLY A 267 14.51 5.75 -8.50
N MET A 268 15.04 4.56 -8.75
CA MET A 268 16.35 4.43 -9.36
C MET A 268 16.27 4.65 -10.87
N GLY A 269 17.44 4.75 -11.52
CA GLY A 269 17.43 4.93 -12.96
C GLY A 269 17.36 3.64 -13.76
N PHE A 270 18.44 2.85 -13.72
CA PHE A 270 18.52 1.54 -14.37
C PHE A 270 18.63 0.47 -13.29
N LEU A 271 17.59 -0.35 -13.15
CA LEU A 271 17.53 -1.40 -12.15
C LEU A 271 17.46 -2.76 -12.83
N PHE A 272 18.35 -3.66 -12.43
CA PHE A 272 18.41 -5.00 -12.99
C PHE A 272 18.32 -5.99 -11.84
N GLU A 273 17.44 -6.98 -11.97
CA GLU A 273 17.28 -8.06 -11.02
C GLU A 273 17.41 -9.38 -11.75
N LYS A 274 18.26 -10.28 -11.24
CA LYS A 274 18.35 -11.66 -11.73
C LYS A 274 18.52 -11.70 -13.25
N SER A 275 19.32 -10.79 -13.78
CA SER A 275 19.53 -10.71 -15.22
C SER A 275 21.01 -10.90 -15.55
N GLU A 276 21.32 -11.00 -16.84
CA GLU A 276 22.63 -11.49 -17.24
C GLU A 276 23.13 -10.77 -18.47
N ASP A 277 24.41 -10.36 -18.45
CA ASP A 277 25.07 -9.71 -19.59
C ASP A 277 24.44 -8.40 -19.97
N ILE A 278 24.77 -7.37 -19.19
CA ILE A 278 24.20 -6.03 -19.26
C ILE A 278 25.25 -5.03 -19.72
N GLN A 279 24.88 -4.16 -20.66
CA GLN A 279 25.74 -3.06 -21.07
C GLN A 279 24.96 -1.76 -20.98
N ILE A 280 25.53 -0.77 -20.31
CA ILE A 280 25.01 0.59 -20.28
C ILE A 280 26.08 1.48 -20.93
N LEU A 281 25.78 1.96 -22.13
CA LEU A 281 26.77 2.56 -23.01
C LEU A 281 26.33 3.97 -23.39
N ASN A 282 27.25 4.92 -23.27
CA ASN A 282 27.01 6.30 -23.70
C ASN A 282 25.66 6.79 -23.19
N SER A 283 25.34 6.43 -21.93
CA SER A 283 24.03 6.70 -21.33
C SER A 283 24.21 7.57 -20.09
N GLY A 284 23.12 7.93 -19.43
CA GLY A 284 23.38 8.74 -18.25
C GLY A 284 22.13 9.06 -17.45
N VAL A 285 22.38 9.63 -16.27
CA VAL A 285 21.38 10.17 -15.37
C VAL A 285 21.92 11.50 -14.89
N TYR A 286 21.25 12.60 -15.25
CA TYR A 286 21.76 13.93 -14.91
C TYR A 286 20.67 14.96 -15.18
N LEU A 287 20.98 16.21 -14.86
CA LEU A 287 20.01 17.29 -15.04
C LEU A 287 19.95 17.80 -16.48
N ARG A 288 18.78 18.34 -16.84
CA ARG A 288 18.59 18.93 -18.15
C ARG A 288 19.30 20.28 -18.21
N ASP A 289 20.20 20.44 -19.18
CA ASP A 289 20.90 21.72 -19.38
C ASP A 289 19.90 22.87 -19.40
N GLY A 290 20.17 23.88 -18.57
CA GLY A 290 19.34 25.08 -18.54
C GLY A 290 18.07 24.96 -17.72
N SER A 291 17.74 23.79 -17.21
CA SER A 291 16.55 23.63 -16.38
C SER A 291 16.78 24.24 -15.00
N GLU A 292 15.71 24.27 -14.21
CA GLU A 292 15.80 24.69 -12.82
C GLU A 292 15.66 23.50 -11.87
N ARG A 293 15.90 22.29 -12.35
CA ARG A 293 15.90 21.11 -11.52
C ARG A 293 17.19 21.02 -10.71
N LEU A 294 17.09 20.32 -9.58
CA LEU A 294 18.24 20.03 -8.75
C LEU A 294 18.56 18.55 -8.66
N ILE A 295 17.55 17.68 -8.73
CA ILE A 295 17.68 16.24 -8.52
C ILE A 295 17.36 15.53 -9.83
N SER A 296 18.16 14.51 -10.19
CA SER A 296 17.75 13.71 -11.34
C SER A 296 16.84 12.52 -10.95
N THR A 297 17.43 11.38 -10.60
CA THR A 297 16.64 10.29 -10.06
C THR A 297 16.60 10.45 -8.55
N THR A 298 15.50 10.01 -7.94
CA THR A 298 15.43 10.16 -6.50
C THR A 298 16.14 9.04 -5.76
N ALA A 299 16.68 8.05 -6.47
CA ALA A 299 17.48 6.98 -5.87
C ALA A 299 18.61 6.64 -6.84
N ASP A 300 19.21 5.45 -6.66
CA ASP A 300 20.41 5.03 -7.39
C ASP A 300 20.31 5.26 -8.90
N ALA A 301 21.40 5.72 -9.52
CA ALA A 301 21.43 5.81 -10.99
C ALA A 301 21.36 4.43 -11.62
N THR A 302 22.19 3.50 -11.12
CA THR A 302 22.26 2.14 -11.67
C THR A 302 22.36 1.19 -10.50
N HIS A 303 21.84 -0.02 -10.68
CA HIS A 303 21.66 -0.95 -9.56
C HIS A 303 21.50 -2.36 -10.11
N PHE A 304 22.26 -3.30 -9.56
CA PHE A 304 22.38 -4.65 -10.12
C PHE A 304 22.24 -5.64 -8.97
N ALA A 305 21.07 -6.26 -8.85
CA ALA A 305 20.75 -7.16 -7.73
C ALA A 305 20.82 -8.60 -8.24
N ASN A 306 21.81 -9.36 -7.74
CA ASN A 306 21.97 -10.77 -8.09
C ASN A 306 21.90 -10.99 -9.61
N CYS A 307 22.69 -10.20 -10.33
CA CYS A 307 22.86 -10.47 -11.75
C CYS A 307 24.02 -11.45 -11.94
N LYS A 308 24.13 -11.99 -13.15
CA LYS A 308 25.27 -12.85 -13.45
C LYS A 308 25.74 -12.51 -14.87
N GLY A 309 26.70 -13.29 -15.36
CA GLY A 309 27.33 -12.90 -16.61
C GLY A 309 28.17 -11.66 -16.38
N ASP A 310 28.19 -10.77 -17.37
CA ASP A 310 29.05 -9.62 -17.31
C ASP A 310 28.22 -8.34 -17.30
N ILE A 311 28.70 -7.33 -16.57
CA ILE A 311 28.11 -5.99 -16.60
C ILE A 311 29.20 -5.02 -17.03
N LEU A 312 28.87 -4.13 -17.96
CA LEU A 312 29.78 -3.10 -18.45
C LEU A 312 29.07 -1.76 -18.42
N ILE A 313 29.63 -0.79 -17.73
CA ILE A 313 29.22 0.61 -17.83
C ILE A 313 30.37 1.35 -18.47
N GLU A 314 30.12 2.00 -19.60
CA GLU A 314 31.16 2.65 -20.37
C GLU A 314 30.63 3.94 -20.96
N ASN A 315 31.48 4.98 -20.94
CA ASN A 315 31.19 6.26 -21.62
C ASN A 315 29.91 6.93 -21.11
N SER A 316 29.58 6.75 -19.84
CA SER A 316 28.33 7.24 -19.32
C SER A 316 28.58 8.33 -18.29
N ARG A 317 27.49 8.88 -17.76
CA ARG A 317 27.56 10.10 -16.97
C ARG A 317 26.42 10.07 -15.96
N PHE A 318 26.74 10.13 -14.67
CA PHE A 318 25.70 10.03 -13.64
C PHE A 318 25.87 11.16 -12.63
N GLU A 319 24.87 12.02 -12.53
CA GLU A 319 24.93 13.23 -11.72
C GLU A 319 23.58 13.51 -11.06
N ASN A 320 23.65 14.11 -9.87
CA ASN A 320 22.52 14.75 -9.19
C ASN A 320 21.43 13.78 -8.74
N MET A 321 21.74 12.49 -8.60
CA MET A 321 20.80 11.58 -7.99
C MET A 321 20.77 11.79 -6.47
N LEU A 322 19.75 11.24 -5.81
CA LEU A 322 19.71 11.28 -4.36
C LEU A 322 20.19 9.98 -3.73
N ASP A 323 20.89 9.15 -4.49
CA ASP A 323 21.60 8.00 -3.93
C ASP A 323 22.72 7.60 -4.89
N ASP A 324 23.34 6.44 -4.63
CA ASP A 324 24.60 6.03 -5.26
C ASP A 324 24.54 6.02 -6.78
N GLY A 325 25.74 6.11 -7.38
CA GLY A 325 25.84 6.02 -8.83
C GLY A 325 25.68 4.60 -9.33
N ALA A 326 26.24 3.63 -8.60
CA ALA A 326 26.13 2.23 -8.96
C ALA A 326 26.26 1.37 -7.71
N ASN A 327 25.50 0.29 -7.65
CA ASN A 327 25.62 -0.71 -6.59
C ASN A 327 25.44 -2.06 -7.26
N VAL A 328 26.50 -2.89 -7.28
CA VAL A 328 26.38 -4.25 -7.80
C VAL A 328 26.50 -5.21 -6.62
N HIS A 329 25.46 -5.99 -6.39
CA HIS A 329 25.39 -6.76 -5.16
C HIS A 329 24.36 -7.87 -5.32
N GLY A 330 24.40 -8.80 -4.36
CA GLY A 330 23.43 -9.87 -4.24
C GLY A 330 22.66 -9.81 -2.93
N THR A 331 21.88 -10.85 -2.64
CA THR A 331 21.03 -10.87 -1.46
C THR A 331 21.56 -11.90 -0.47
N TYR A 332 21.62 -11.53 0.80
CA TYR A 332 21.77 -12.48 1.90
C TYR A 332 20.40 -12.84 2.45
N THR A 333 20.02 -14.11 2.41
CA THR A 333 18.81 -14.55 3.09
C THR A 333 19.19 -15.24 4.40
N ILE A 334 18.23 -15.29 5.33
CA ILE A 334 18.48 -15.75 6.69
C ILE A 334 17.75 -17.06 6.92
N VAL A 335 18.48 -18.07 7.41
CA VAL A 335 17.88 -19.35 7.74
C VAL A 335 16.83 -19.14 8.82
N ASP A 336 15.58 -19.45 8.49
CA ASP A 336 14.50 -19.44 9.48
C ASP A 336 14.30 -20.79 10.15
N LYS A 337 14.25 -21.89 9.37
CA LYS A 337 14.19 -23.21 9.99
C LYS A 337 14.54 -24.28 8.97
N ILE A 338 14.93 -25.44 9.48
CA ILE A 338 15.28 -26.59 8.64
C ILE A 338 14.03 -27.46 8.49
N ILE A 339 13.61 -27.69 7.26
CA ILE A 339 12.40 -28.44 6.99
C ILE A 339 12.66 -29.94 7.00
N ASP A 340 13.74 -30.36 6.35
CA ASP A 340 14.19 -31.75 6.40
C ASP A 340 15.65 -31.78 5.98
N SER A 341 16.17 -32.99 5.70
CA SER A 341 17.60 -33.15 5.47
C SER A 341 18.08 -32.41 4.23
N HIS A 342 17.17 -32.07 3.31
CA HIS A 342 17.55 -31.37 2.09
C HIS A 342 16.85 -30.02 1.90
N THR A 343 16.04 -29.56 2.85
CA THR A 343 15.13 -28.43 2.64
C THR A 343 15.26 -27.41 3.76
N VAL A 344 15.46 -26.15 3.41
CA VAL A 344 15.63 -25.08 4.39
C VAL A 344 14.70 -23.94 4.00
N MET A 345 14.19 -23.23 5.00
CA MET A 345 13.37 -22.06 4.75
C MET A 345 14.13 -20.82 5.20
N VAL A 346 14.27 -19.87 4.29
CA VAL A 346 14.98 -18.63 4.56
C VAL A 346 14.00 -17.45 4.53
N LYS A 347 14.47 -16.31 5.04
CA LYS A 347 13.71 -15.07 5.11
C LYS A 347 14.57 -13.94 4.57
N PHE A 348 13.93 -12.96 3.91
CA PHE A 348 14.62 -11.73 3.53
C PHE A 348 14.78 -10.84 4.76
N GLY A 349 15.84 -10.02 4.74
CA GLY A 349 16.17 -9.25 5.94
C GLY A 349 15.78 -7.78 5.92
N HIS A 350 15.70 -7.18 4.74
CA HIS A 350 15.30 -5.79 4.61
C HIS A 350 13.93 -5.71 3.94
N PHE A 351 13.10 -4.77 4.40
CA PHE A 351 11.69 -4.77 3.99
C PHE A 351 11.52 -4.53 2.49
N GLU A 352 12.48 -3.89 1.81
CA GLU A 352 12.35 -3.72 0.37
C GLU A 352 12.99 -4.85 -0.43
N GLN A 353 13.36 -5.94 0.22
CA GLN A 353 13.78 -7.15 -0.49
C GLN A 353 12.67 -8.19 -0.62
N THR A 354 11.59 -8.06 0.12
CA THR A 354 10.55 -9.07 0.04
C THR A 354 9.91 -9.06 -1.33
N GLY A 355 9.53 -10.25 -1.80
CA GLY A 355 9.10 -10.45 -3.17
C GLY A 355 10.22 -10.76 -4.15
N PHE A 356 11.47 -10.72 -3.70
CA PHE A 356 12.62 -11.00 -4.56
C PHE A 356 12.67 -12.47 -4.95
N GLU A 357 13.15 -12.75 -6.16
CA GLU A 357 13.33 -14.12 -6.62
C GLU A 357 14.77 -14.53 -6.31
N PHE A 358 14.99 -15.02 -5.08
CA PHE A 358 16.33 -15.30 -4.60
C PHE A 358 17.05 -16.37 -5.41
N THR A 359 16.38 -17.47 -5.75
CA THR A 359 17.10 -18.60 -6.33
C THR A 359 16.13 -19.42 -7.16
N GLY A 360 16.62 -20.55 -7.64
CA GLY A 360 15.84 -21.43 -8.50
C GLY A 360 16.67 -22.65 -8.88
N GLN A 361 16.02 -23.56 -9.62
CA GLN A 361 16.60 -24.84 -9.96
C GLN A 361 17.97 -24.65 -10.60
N ASP A 362 18.94 -25.42 -10.12
CA ASP A 362 20.34 -25.52 -10.57
C ASP A 362 21.22 -24.36 -10.11
N ASP A 363 20.74 -23.44 -9.26
CA ASP A 363 21.62 -22.43 -8.68
C ASP A 363 22.56 -23.10 -7.68
N GLU A 364 23.80 -22.63 -7.63
CA GLU A 364 24.71 -22.92 -6.55
C GLU A 364 24.58 -21.87 -5.45
N ILE A 365 24.63 -22.30 -4.19
CA ILE A 365 24.37 -21.44 -3.04
C ILE A 365 25.49 -21.62 -2.02
N TRP A 366 25.95 -20.51 -1.45
CA TRP A 366 26.91 -20.55 -0.34
C TRP A 366 26.19 -20.56 1.01
N PHE A 367 26.68 -21.39 1.92
CA PHE A 367 26.20 -21.40 3.30
C PHE A 367 27.20 -20.66 4.18
N ILE A 368 26.69 -19.80 5.05
CA ILE A 368 27.50 -19.04 6.00
C ILE A 368 26.96 -19.33 7.40
N HIS A 369 27.81 -19.89 8.27
CA HIS A 369 27.39 -20.38 9.58
C HIS A 369 27.89 -19.43 10.65
N GLN A 370 26.96 -18.91 11.47
CA GLN A 370 27.36 -18.13 12.62
C GLN A 370 28.36 -18.93 13.46
N PRO A 371 29.38 -18.30 14.06
CA PRO A 371 29.67 -16.88 13.97
C PRO A 371 30.76 -16.54 12.93
N ASN A 372 31.02 -17.44 11.98
CA ASN A 372 32.08 -17.27 10.99
C ASN A 372 31.52 -16.66 9.72
N THR A 373 32.09 -15.52 9.30
CA THR A 373 31.55 -14.73 8.20
C THR A 373 31.83 -15.31 6.82
N LYS A 374 32.73 -16.28 6.72
CA LYS A 374 33.19 -16.77 5.41
C LYS A 374 32.16 -17.71 4.77
N ARG A 375 32.28 -17.85 3.46
CA ARG A 375 31.52 -18.83 2.70
C ARG A 375 32.02 -20.23 3.03
N GLU A 376 31.21 -21.05 3.69
CA GLU A 376 31.69 -22.34 4.16
C GLU A 376 31.58 -23.45 3.10
N SER A 377 30.41 -23.61 2.49
CA SER A 377 30.26 -24.73 1.57
C SER A 377 29.23 -24.37 0.52
N VAL A 378 29.15 -25.21 -0.50
CA VAL A 378 28.29 -24.99 -1.65
C VAL A 378 27.33 -26.17 -1.80
N ASN A 379 26.10 -25.89 -2.22
CA ASN A 379 25.10 -26.90 -2.56
C ASN A 379 24.33 -26.40 -3.78
N THR A 380 23.52 -27.26 -4.39
CA THR A 380 22.86 -26.90 -5.64
C THR A 380 21.36 -27.10 -5.49
N VAL A 381 20.60 -26.08 -5.88
CA VAL A 381 19.16 -26.06 -5.66
C VAL A 381 18.49 -27.05 -6.60
N GLU A 382 17.60 -27.89 -6.04
CA GLU A 382 16.73 -28.73 -6.85
C GLU A 382 15.40 -28.02 -7.19
N SER A 383 14.74 -27.43 -6.20
CA SER A 383 13.46 -26.78 -6.44
C SER A 383 13.21 -25.76 -5.33
N VAL A 384 12.24 -24.88 -5.57
CA VAL A 384 11.91 -23.78 -4.67
C VAL A 384 10.40 -23.75 -4.48
N ASN A 385 9.97 -23.54 -3.24
CA ASN A 385 8.57 -23.31 -2.88
C ASN A 385 8.52 -21.94 -2.22
N VAL A 386 8.09 -20.93 -2.98
CA VAL A 386 7.94 -19.59 -2.43
C VAL A 386 6.69 -19.58 -1.55
N ILE A 387 6.87 -19.38 -0.25
CA ILE A 387 5.76 -19.46 0.67
C ILE A 387 4.96 -18.16 0.65
N ASN A 388 5.65 -17.03 0.76
CA ASN A 388 5.05 -15.71 0.60
C ASN A 388 6.20 -14.77 0.23
N GLU A 389 5.95 -13.47 0.30
CA GLU A 389 6.98 -12.54 -0.16
C GLU A 389 8.18 -12.51 0.78
N ALA A 390 8.04 -12.98 2.02
CA ALA A 390 9.17 -12.93 2.95
C ALA A 390 9.94 -14.23 3.01
N TYR A 391 9.25 -15.38 2.90
CA TYR A 391 9.81 -16.69 3.19
C TYR A 391 9.94 -17.53 1.92
N THR A 392 11.08 -18.20 1.77
CA THR A 392 11.33 -19.07 0.62
C THR A 392 11.80 -20.45 1.12
N GLN A 393 11.12 -21.51 0.68
CA GLN A 393 11.54 -22.88 0.99
C GLN A 393 12.38 -23.43 -0.16
N ILE A 394 13.62 -23.81 0.13
CA ILE A 394 14.57 -24.27 -0.89
C ILE A 394 14.92 -25.72 -0.61
N LYS A 395 14.75 -26.57 -1.61
CA LYS A 395 15.16 -27.97 -1.54
C LYS A 395 16.43 -28.11 -2.38
N PHE A 396 17.46 -28.66 -1.77
CA PHE A 396 18.76 -28.80 -2.42
C PHE A 396 18.98 -30.22 -2.93
N LYS A 397 19.79 -30.36 -3.98
CA LYS A 397 20.09 -31.68 -4.52
C LYS A 397 20.92 -32.51 -3.57
N ASN A 398 21.84 -31.89 -2.82
CA ASN A 398 22.65 -32.60 -1.84
C ASN A 398 22.18 -32.31 -0.43
N ARG A 399 22.52 -33.22 0.47
CA ARG A 399 22.18 -33.07 1.88
C ARG A 399 22.70 -31.75 2.44
N LEU A 400 21.89 -31.11 3.29
CA LEU A 400 22.26 -29.84 3.91
C LEU A 400 23.40 -30.02 4.91
N PRO A 401 24.13 -28.95 5.23
CA PRO A 401 25.17 -29.06 6.25
C PRO A 401 24.58 -29.39 7.62
N LYS A 402 25.23 -30.30 8.35
CA LYS A 402 24.69 -30.72 9.64
C LYS A 402 24.62 -29.56 10.62
N GLN A 403 25.48 -28.55 10.46
CA GLN A 403 25.54 -27.45 11.42
C GLN A 403 24.67 -26.26 11.02
N LEU A 404 23.85 -26.39 9.97
CA LEU A 404 22.96 -25.31 9.55
C LEU A 404 21.98 -24.98 10.65
N ALA A 405 21.96 -23.72 11.06
CA ALA A 405 21.14 -23.27 12.17
C ALA A 405 20.39 -22.00 11.80
N LYS A 406 19.26 -21.78 12.49
CA LYS A 406 18.53 -20.53 12.36
C LYS A 406 19.46 -19.35 12.61
N GLY A 407 19.38 -18.34 11.74
CA GLY A 407 20.30 -17.22 11.79
C GLY A 407 21.51 -17.35 10.88
N ASP A 408 21.79 -18.54 10.36
CA ASP A 408 22.81 -18.66 9.34
C ASP A 408 22.33 -17.95 8.07
N LEU A 409 23.25 -17.74 7.13
CA LEU A 409 22.93 -17.03 5.91
C LEU A 409 23.14 -17.90 4.68
N LEU A 410 22.29 -17.69 3.69
CA LEU A 410 22.52 -18.20 2.34
C LEU A 410 22.88 -17.03 1.43
N GLU A 411 23.92 -17.25 0.61
CA GLU A 411 24.31 -16.34 -0.45
C GLU A 411 24.21 -17.08 -1.78
N ASN A 412 23.64 -16.44 -2.78
CA ASN A 412 23.57 -17.05 -4.10
C ASN A 412 24.94 -16.94 -4.75
N LYS A 413 25.50 -18.09 -5.15
CA LYS A 413 26.80 -18.13 -5.78
C LYS A 413 26.71 -18.01 -7.30
N THR A 414 25.70 -18.66 -7.88
CA THR A 414 25.50 -18.58 -9.33
C THR A 414 25.26 -17.13 -9.78
N TRP A 415 24.42 -16.39 -9.05
CA TRP A 415 23.99 -15.06 -9.52
C TRP A 415 24.89 -13.98 -8.92
N ASN A 416 26.10 -13.91 -9.50
CA ASN A 416 27.11 -12.88 -9.29
C ASN A 416 27.73 -12.53 -10.63
N PRO A 417 27.89 -11.25 -10.92
CA PRO A 417 28.45 -10.82 -12.22
C PRO A 417 29.89 -10.36 -12.17
N THR A 418 30.58 -10.40 -13.30
CA THR A 418 31.77 -9.59 -13.49
C THR A 418 31.30 -8.17 -13.79
N PHE A 419 32.13 -7.20 -13.43
CA PHE A 419 31.67 -5.81 -13.46
C PHE A 419 32.78 -4.88 -13.88
N THR A 420 32.52 -4.08 -14.92
CA THR A 420 33.48 -3.10 -15.42
C THR A 420 32.80 -1.75 -15.58
N MET A 421 33.43 -0.71 -15.02
CA MET A 421 33.05 0.67 -15.25
C MET A 421 34.25 1.42 -15.78
N ARG A 422 34.12 2.05 -16.95
CA ARG A 422 35.25 2.72 -17.57
C ARG A 422 34.77 3.94 -18.36
N LYS A 423 35.66 4.93 -18.47
CA LYS A 423 35.39 6.17 -19.23
C LYS A 423 34.05 6.78 -18.83
N THR A 424 33.74 6.72 -17.54
CA THR A 424 32.44 7.13 -17.02
C THR A 424 32.61 8.24 -15.99
N ILE A 425 31.68 9.22 -16.02
CA ILE A 425 31.68 10.34 -15.10
C ILE A 425 30.60 10.14 -14.04
N ILE A 426 30.97 10.27 -12.76
CA ILE A 426 30.00 10.21 -11.67
C ILE A 426 30.34 11.32 -10.69
N LYS A 427 29.48 12.33 -10.59
CA LYS A 427 29.77 13.47 -9.72
C LYS A 427 28.48 14.16 -9.28
N ASN A 428 28.62 15.04 -8.26
CA ASN A 428 27.59 16.01 -7.87
C ASN A 428 26.25 15.34 -7.56
N HIS A 429 26.30 14.28 -6.76
CA HIS A 429 25.09 13.60 -6.33
C HIS A 429 25.23 13.30 -4.85
N ARG A 430 24.14 12.82 -4.24
CA ARG A 430 24.16 12.42 -2.84
C ARG A 430 24.48 10.94 -2.79
N ALA A 431 25.69 10.59 -2.35
CA ALA A 431 25.95 9.31 -1.70
C ALA A 431 27.32 8.90 -2.21
N ARG A 432 27.58 7.58 -2.20
CA ARG A 432 28.75 6.96 -2.81
C ARG A 432 28.69 6.89 -4.34
N ASN A 433 29.84 7.11 -5.01
CA ASN A 433 29.90 6.93 -6.46
C ASN A 433 29.67 5.47 -6.85
N VAL A 434 30.47 4.54 -6.33
CA VAL A 434 30.49 3.15 -6.79
C VAL A 434 30.53 2.26 -5.57
N VAL A 435 29.59 1.30 -5.50
CA VAL A 435 29.46 0.39 -4.37
C VAL A 435 29.60 -1.03 -4.91
N LEU A 436 30.65 -1.74 -4.48
CA LEU A 436 31.08 -2.95 -5.14
C LEU A 436 30.93 -4.13 -4.18
N LYS A 437 30.03 -5.07 -4.52
CA LYS A 437 29.86 -6.28 -3.72
C LYS A 437 29.79 -7.55 -4.60
N THR A 438 30.56 -7.61 -5.70
CA THR A 438 30.53 -8.92 -6.33
C THR A 438 31.82 -9.69 -6.08
N PRO A 439 31.75 -11.01 -5.89
CA PRO A 439 32.98 -11.81 -5.72
C PRO A 439 33.75 -12.04 -7.02
N LEU A 440 33.26 -11.60 -8.17
CA LEU A 440 33.91 -11.89 -9.44
C LEU A 440 34.70 -10.66 -9.89
N LYS A 441 35.39 -10.80 -11.02
CA LYS A 441 36.35 -9.79 -11.44
C LYS A 441 35.69 -8.45 -11.66
N THR A 442 36.21 -7.43 -10.99
CA THR A 442 35.70 -6.08 -11.04
C THR A 442 36.81 -5.16 -11.50
N VAL A 443 36.54 -4.34 -12.52
CA VAL A 443 37.52 -3.39 -13.03
C VAL A 443 36.89 -1.99 -13.06
N ILE A 444 37.53 -1.06 -12.38
CA ILE A 444 37.10 0.33 -12.30
C ILE A 444 38.27 1.17 -12.83
N GLU A 445 38.15 1.67 -14.06
CA GLU A 445 39.30 2.31 -14.68
C GLU A 445 38.88 3.48 -15.54
N GLU A 446 39.77 4.50 -15.56
CA GLU A 446 39.68 5.61 -16.51
C GLU A 446 38.38 6.39 -16.35
N ASN A 447 37.92 6.50 -15.11
CA ASN A 447 36.73 7.24 -14.80
C ASN A 447 37.10 8.55 -14.12
N PHE A 448 36.10 9.43 -14.03
CA PHE A 448 36.19 10.69 -13.30
C PHE A 448 35.14 10.65 -12.20
N PHE A 449 35.59 10.78 -10.95
CA PHE A 449 34.74 10.62 -9.79
C PHE A 449 34.81 11.87 -8.93
N SER A 450 33.67 12.20 -8.33
CA SER A 450 33.56 13.26 -7.35
C SER A 450 32.38 12.90 -6.46
N SER A 451 32.60 12.79 -5.16
CA SER A 451 31.56 12.22 -4.31
C SER A 451 31.45 12.94 -2.99
N MET A 452 30.21 13.18 -2.57
CA MET A 452 29.92 13.69 -1.24
C MET A 452 30.38 12.69 -0.17
N MET A 453 29.96 11.44 -0.30
CA MET A 453 30.40 10.35 0.57
C MET A 453 31.60 9.65 -0.06
N SER A 454 31.91 8.44 0.38
CA SER A 454 33.00 7.69 -0.19
C SER A 454 32.82 7.49 -1.69
N SER A 455 33.94 7.45 -2.43
CA SER A 455 33.85 7.25 -3.87
C SER A 455 33.68 5.78 -4.25
N ILE A 456 34.63 4.94 -3.85
CA ILE A 456 34.52 3.50 -4.03
C ILE A 456 34.30 2.89 -2.64
N LEU A 457 33.17 2.23 -2.46
CA LEU A 457 32.76 1.72 -1.15
C LEU A 457 32.52 0.22 -1.22
N PHE A 458 32.99 -0.50 -0.21
CA PHE A 458 32.69 -1.92 -0.04
C PHE A 458 31.92 -2.08 1.27
N ARG A 459 30.68 -2.59 1.19
CA ARG A 459 29.95 -2.88 2.43
C ARG A 459 29.12 -4.15 2.24
N GLY A 460 29.75 -5.30 2.44
CA GLY A 460 28.97 -6.49 2.79
C GLY A 460 28.17 -6.16 4.03
N GLU A 461 26.90 -6.54 4.04
CA GLU A 461 25.94 -6.02 5.02
C GLU A 461 25.00 -7.13 5.46
N THR A 462 25.12 -7.55 6.73
CA THR A 462 24.24 -8.55 7.32
C THR A 462 23.62 -8.00 8.59
N PHE A 463 23.50 -6.69 8.66
CA PHE A 463 22.97 -6.01 9.83
C PHE A 463 21.60 -5.36 9.57
N PHE A 464 21.46 -4.63 8.46
CA PHE A 464 20.19 -3.99 8.14
C PHE A 464 19.76 -4.19 6.68
N TRP A 465 20.71 -4.10 5.76
CA TRP A 465 20.43 -4.09 4.33
C TRP A 465 20.46 -5.49 3.72
N TYR A 466 21.20 -6.42 4.32
CA TYR A 466 21.29 -7.81 3.89
C TYR A 466 21.68 -7.93 2.42
N GLU A 467 22.83 -7.30 2.12
CA GLU A 467 23.39 -7.29 0.77
C GLU A 467 24.72 -8.01 0.79
N SER A 468 24.85 -9.01 -0.06
CA SER A 468 25.99 -9.90 -0.03
C SER A 468 27.06 -9.44 -1.01
N GLY A 469 28.24 -10.06 -0.86
CA GLY A 469 29.34 -9.59 -1.63
C GLY A 469 30.69 -9.35 -1.02
N ALA A 470 31.19 -10.23 -0.14
CA ALA A 470 32.64 -10.26 0.06
C ALA A 470 33.34 -10.40 -1.29
N VAL A 471 34.18 -9.42 -1.61
CA VAL A 471 34.83 -9.38 -2.91
C VAL A 471 36.10 -10.23 -2.89
N GLU A 472 36.56 -10.64 -4.09
CA GLU A 472 37.76 -11.46 -4.21
C GLU A 472 38.73 -11.00 -5.30
N ASP A 473 38.37 -10.05 -6.16
CA ASP A 473 39.26 -9.63 -7.25
C ASP A 473 38.78 -8.26 -7.77
N VAL A 474 39.42 -7.18 -7.32
CA VAL A 474 38.96 -5.83 -7.69
C VAL A 474 40.15 -4.96 -8.06
N LEU A 475 40.05 -4.27 -9.20
CA LEU A 475 41.13 -3.43 -9.69
C LEU A 475 40.57 -2.03 -9.95
N ILE A 476 41.10 -1.03 -9.24
CA ILE A 476 40.67 0.37 -9.36
C ILE A 476 41.89 1.16 -9.81
N ARG A 477 41.97 1.53 -11.09
CA ARG A 477 43.20 2.05 -11.66
C ARG A 477 42.94 3.17 -12.66
N ASN A 478 43.90 4.11 -12.73
CA ASN A 478 43.89 5.19 -13.72
C ASN A 478 42.60 6.01 -13.68
N ASN A 479 42.05 6.22 -12.49
CA ASN A 479 40.90 7.10 -12.35
C ASN A 479 41.33 8.43 -11.78
N THR A 480 40.47 9.43 -11.96
CA THR A 480 40.66 10.74 -11.35
C THR A 480 39.57 10.90 -10.30
N PHE A 481 39.98 11.12 -9.05
CA PHE A 481 39.08 11.42 -7.95
C PHE A 481 39.28 12.90 -7.61
N ASP A 482 38.27 13.71 -7.86
CA ASP A 482 38.39 15.15 -7.67
C ASP A 482 37.28 15.62 -6.74
N TYR A 483 37.65 16.10 -5.55
CA TYR A 483 36.69 16.57 -4.55
C TYR A 483 35.81 15.43 -4.04
N VAL A 484 36.38 14.60 -3.19
CA VAL A 484 35.74 13.40 -2.66
C VAL A 484 35.63 13.49 -1.14
N ALA A 485 34.53 12.96 -0.60
CA ALA A 485 34.32 12.79 0.84
C ALA A 485 34.21 14.13 1.56
N TYR A 486 33.40 15.02 1.00
CA TYR A 486 33.16 16.30 1.64
C TYR A 486 31.88 16.32 2.47
N ALA A 487 31.29 15.16 2.72
CA ALA A 487 30.12 15.08 3.57
C ALA A 487 30.44 15.49 5.01
N GLY A 488 29.38 15.76 5.77
CA GLY A 488 29.55 15.99 7.20
C GLY A 488 30.03 14.76 7.94
N LYS A 489 29.50 13.61 7.59
CA LYS A 489 29.97 12.42 8.29
C LYS A 489 31.25 11.91 7.63
N PRO A 490 32.12 11.23 8.39
CA PRO A 490 33.44 10.85 7.84
C PRO A 490 33.37 9.75 6.80
N HIS A 491 34.07 9.96 5.68
CA HIS A 491 34.15 9.01 4.56
C HIS A 491 35.59 8.99 4.04
N ALA A 492 35.83 8.21 2.98
CA ALA A 492 37.16 8.09 2.36
C ALA A 492 36.99 7.87 0.87
N VAL A 493 38.05 8.16 0.11
CA VAL A 493 38.01 7.92 -1.34
C VAL A 493 37.76 6.44 -1.61
N LEU A 494 38.57 5.57 -1.01
CA LEU A 494 38.38 4.13 -1.04
C LEU A 494 38.06 3.70 0.39
N ASN A 495 36.89 3.10 0.59
CA ASN A 495 36.38 2.80 1.93
C ASN A 495 35.88 1.36 1.97
N ILE A 496 36.66 0.50 2.60
CA ILE A 496 36.36 -0.92 2.73
C ILE A 496 35.81 -1.11 4.14
N THR A 497 34.49 -1.25 4.26
CA THR A 497 33.83 -1.17 5.57
C THR A 497 32.60 -2.08 5.63
N PRO A 498 32.80 -3.37 5.86
CA PRO A 498 31.66 -4.26 6.07
C PRO A 498 30.91 -3.88 7.33
N ARG A 499 29.64 -4.25 7.38
CA ARG A 499 28.83 -4.02 8.58
C ARG A 499 28.00 -5.27 8.81
N LEU A 500 28.49 -6.12 9.71
CA LEU A 500 28.01 -7.48 9.85
C LEU A 500 27.33 -7.66 11.20
N SER A 501 26.28 -8.48 11.21
CA SER A 501 25.49 -8.68 12.42
C SER A 501 26.35 -9.14 13.59
N LYS A 502 25.98 -8.70 14.79
CA LYS A 502 26.68 -9.10 16.01
C LYS A 502 26.61 -10.60 16.27
N SER A 503 25.78 -11.35 15.55
CA SER A 503 25.84 -12.80 15.65
C SER A 503 27.11 -13.37 15.04
N PHE A 504 27.92 -12.56 14.37
CA PHE A 504 29.14 -13.02 13.74
C PHE A 504 30.34 -12.36 14.41
N ASN A 505 31.48 -13.02 14.34
CA ASN A 505 32.71 -12.40 14.82
C ASN A 505 32.99 -11.14 14.01
N GLN A 506 33.52 -10.12 14.68
CA GLN A 506 33.64 -8.80 14.11
C GLN A 506 35.05 -8.48 13.61
N ASP A 507 35.96 -9.46 13.63
CA ASP A 507 37.36 -9.21 13.29
C ASP A 507 37.91 -10.20 12.27
N GLU A 508 37.05 -10.90 11.53
CA GLU A 508 37.51 -11.85 10.53
C GLU A 508 37.70 -11.15 9.18
N ILE A 509 38.67 -11.63 8.40
CA ILE A 509 38.89 -11.09 7.06
C ILE A 509 37.64 -11.31 6.22
N TYR A 510 37.18 -10.27 5.53
CA TYR A 510 35.99 -10.36 4.70
C TYR A 510 36.31 -10.15 3.23
N ASP A 511 36.75 -8.96 2.84
CA ASP A 511 37.07 -8.66 1.46
C ASP A 511 38.52 -9.02 1.17
N ARG A 512 38.80 -9.38 -0.07
CA ARG A 512 40.12 -9.85 -0.43
C ARG A 512 40.55 -9.27 -1.78
N ASN A 513 41.86 -9.03 -1.92
CA ASN A 513 42.52 -8.88 -3.21
C ASN A 513 41.99 -7.66 -3.96
N ILE A 514 42.11 -6.50 -3.29
CA ILE A 514 41.71 -5.21 -3.87
C ILE A 514 42.98 -4.44 -4.21
N ARG A 515 43.07 -3.97 -5.45
CA ARG A 515 44.19 -3.15 -5.89
C ARG A 515 43.71 -1.75 -6.29
N PHE A 516 44.41 -0.74 -5.80
CA PHE A 516 44.08 0.66 -6.05
C PHE A 516 45.34 1.33 -6.60
N GLU A 517 45.41 1.43 -7.93
CA GLU A 517 46.66 1.71 -8.64
C GLU A 517 46.52 2.94 -9.53
N ASN A 518 47.52 3.82 -9.46
CA ASN A 518 47.76 4.84 -10.47
C ASN A 518 46.55 5.75 -10.67
N ASN A 519 45.89 6.10 -9.58
CA ASN A 519 44.83 7.10 -9.58
C ASN A 519 45.40 8.45 -9.18
N THR A 520 44.69 9.51 -9.57
CA THR A 520 45.00 10.86 -9.12
C THR A 520 43.87 11.36 -8.23
N ILE A 521 44.23 11.84 -7.04
CA ILE A 521 43.26 12.32 -6.06
C ILE A 521 43.57 13.78 -5.76
N ASN A 522 42.65 14.67 -6.15
CA ASN A 522 42.66 16.06 -5.70
C ASN A 522 41.92 16.13 -4.38
N SER A 523 42.59 16.66 -3.35
CA SER A 523 42.14 16.52 -1.98
C SER A 523 42.06 17.88 -1.30
N PHE A 524 41.21 17.94 -0.27
CA PHE A 524 41.14 19.09 0.62
C PHE A 524 41.53 18.71 2.05
N GLY A 525 42.15 17.56 2.24
CA GLY A 525 42.44 17.02 3.55
C GLY A 525 41.62 15.80 3.94
N ASN A 526 40.87 15.21 3.02
CA ASN A 526 40.02 14.06 3.31
C ASN A 526 40.84 12.76 3.38
N ARG A 527 40.24 11.75 4.01
CA ARG A 527 40.84 10.42 3.98
C ARG A 527 40.94 9.89 2.56
N ILE A 528 42.00 9.12 2.29
CA ILE A 528 42.16 8.50 0.99
C ILE A 528 41.70 7.05 1.06
N VAL A 529 42.26 6.25 1.98
CA VAL A 529 41.86 4.87 2.16
C VAL A 529 41.47 4.62 3.61
N TRP A 530 40.33 3.96 3.81
CA TRP A 530 39.91 3.39 5.08
C TRP A 530 39.55 1.94 4.83
N ALA A 531 40.28 1.02 5.46
CA ALA A 531 40.15 -0.40 5.18
C ALA A 531 39.92 -1.14 6.49
N ASP A 532 38.92 -2.03 6.48
CA ASP A 532 38.54 -2.80 7.64
C ASP A 532 38.35 -4.24 7.19
N ARG A 533 39.15 -5.16 7.76
CA ARG A 533 39.04 -6.60 7.49
C ARG A 533 39.35 -6.97 6.04
N VAL A 534 40.27 -6.26 5.40
CA VAL A 534 40.66 -6.61 4.04
C VAL A 534 41.86 -7.55 4.08
N GLY A 535 41.83 -8.59 3.27
CA GLY A 535 43.00 -9.41 3.07
C GLY A 535 43.59 -9.28 1.69
N GLY A 536 44.66 -8.49 1.61
CA GLY A 536 45.38 -8.25 0.37
C GLY A 536 44.88 -6.97 -0.25
N LEU A 537 45.55 -5.86 0.05
CA LEU A 537 45.20 -4.55 -0.45
C LEU A 537 46.48 -3.87 -0.92
N THR A 538 46.54 -3.51 -2.19
CA THR A 538 47.70 -2.81 -2.74
C THR A 538 47.28 -1.39 -3.09
N VAL A 539 47.89 -0.42 -2.43
CA VAL A 539 47.72 1.00 -2.74
C VAL A 539 49.03 1.48 -3.37
N SER A 540 49.04 1.69 -4.69
CA SER A 540 50.31 1.90 -5.37
C SER A 540 50.16 2.85 -6.56
N GLY A 541 51.23 3.62 -6.82
CA GLY A 541 51.33 4.47 -8.00
C GLY A 541 50.39 5.66 -8.02
N ASN A 542 49.78 6.01 -6.90
CA ASN A 542 48.78 7.05 -6.86
C ASN A 542 49.44 8.41 -6.61
N THR A 543 48.81 9.46 -7.12
CA THR A 543 49.23 10.83 -6.85
C THR A 543 48.11 11.54 -6.09
N ILE A 544 48.41 12.04 -4.90
CA ILE A 544 47.45 12.77 -4.07
C ILE A 544 47.83 14.25 -4.10
N ASN A 545 46.93 15.08 -4.61
CA ASN A 545 47.17 16.52 -4.74
C ASN A 545 46.27 17.26 -3.76
N ARG A 546 46.86 17.73 -2.67
CA ARG A 546 46.14 18.56 -1.69
C ARG A 546 46.04 19.98 -2.26
N ASN A 547 45.09 20.15 -3.19
CA ASN A 547 44.98 21.39 -3.93
C ASN A 547 43.57 21.99 -3.92
N ILE A 548 42.66 21.48 -3.10
CA ILE A 548 41.29 21.98 -3.03
C ILE A 548 41.15 22.90 -1.83
N ASN A 549 40.67 24.13 -2.07
CA ASN A 549 40.52 25.14 -1.02
C ASN A 549 39.16 24.96 -0.34
N GLN A 550 39.10 23.99 0.56
CA GLN A 550 37.91 23.77 1.37
C GLN A 550 38.38 23.30 2.73
N PRO A 551 37.64 23.62 3.79
CA PRO A 551 38.13 23.30 5.14
C PRO A 551 38.05 21.81 5.46
N VAL A 552 39.05 21.33 6.20
CA VAL A 552 38.95 20.00 6.77
C VAL A 552 37.74 19.98 7.69
N LEU A 553 36.91 18.95 7.53
CA LEU A 553 35.75 18.75 8.39
C LEU A 553 36.03 17.74 9.50
N HIS A 554 37.07 16.94 9.36
CA HIS A 554 37.46 15.95 10.37
C HIS A 554 38.95 16.14 10.61
N PRO A 555 39.32 16.93 11.63
CA PRO A 555 40.74 17.26 11.85
C PRO A 555 41.57 16.04 12.22
N ASP A 556 42.79 15.99 11.66
CA ASP A 556 43.78 14.95 11.93
C ASP A 556 43.33 13.58 11.44
N SER A 557 42.55 13.54 10.39
CA SER A 557 42.28 12.26 9.76
C SER A 557 43.47 11.85 8.91
N PRO A 558 44.00 10.65 9.09
CA PRO A 558 45.13 10.21 8.26
C PRO A 558 44.71 10.01 6.81
N LEU A 559 45.72 10.00 5.93
CA LEU A 559 45.47 9.61 4.54
C LEU A 559 45.00 8.16 4.46
N PHE A 560 45.62 7.28 5.25
CA PHE A 560 45.36 5.85 5.23
C PHE A 560 45.06 5.38 6.65
N GLU A 561 44.07 4.51 6.80
CA GLU A 561 43.83 3.85 8.08
C GLU A 561 43.42 2.41 7.84
N PHE A 562 44.04 1.48 8.56
CA PHE A 562 43.81 0.05 8.39
C PHE A 562 43.53 -0.59 9.75
N VAL A 563 42.42 -1.33 9.85
CA VAL A 563 42.08 -2.06 11.07
C VAL A 563 41.76 -3.50 10.69
N ASN A 564 42.28 -4.44 11.46
CA ASN A 564 41.93 -5.86 11.37
C ASN A 564 42.10 -6.43 9.95
N SER A 565 43.15 -5.98 9.26
CA SER A 565 43.46 -6.41 7.90
C SER A 565 44.79 -7.15 7.86
N GLU A 566 45.08 -7.72 6.68
CA GLU A 566 46.28 -8.50 6.42
C GLU A 566 46.82 -8.16 5.05
N ASN A 567 48.15 -8.20 4.93
CA ASN A 567 48.84 -8.09 3.65
C ASN A 567 48.44 -6.82 2.91
N ILE A 568 48.68 -5.69 3.57
CA ILE A 568 48.49 -4.38 2.99
C ILE A 568 49.84 -3.89 2.49
N GLU A 569 49.84 -3.23 1.33
CA GLU A 569 51.07 -2.69 0.78
C GLU A 569 50.85 -1.27 0.28
N LEU A 570 51.67 -0.36 0.77
CA LEU A 570 51.80 0.98 0.21
C LEU A 570 53.06 1.00 -0.66
N LYS A 571 52.95 1.58 -1.86
CA LYS A 571 54.05 1.45 -2.81
C LYS A 571 53.99 2.59 -3.82
N ASN A 572 55.05 3.40 -3.86
CA ASN A 572 55.23 4.39 -4.94
C ASN A 572 54.05 5.33 -5.07
N ASN A 573 53.53 5.82 -3.95
CA ASN A 573 52.56 6.89 -3.96
C ASN A 573 53.25 8.22 -3.72
N THR A 574 52.57 9.32 -4.07
CA THR A 574 53.14 10.65 -3.94
C THR A 574 52.08 11.59 -3.38
N TYR A 575 52.48 12.40 -2.40
CA TYR A 575 51.61 13.41 -1.80
C TYR A 575 52.18 14.80 -2.06
N ASN A 576 51.33 15.71 -2.54
CA ASN A 576 51.70 17.10 -2.81
C ASN A 576 50.78 18.03 -2.03
N GLY A 577 51.38 18.95 -1.27
CA GLY A 577 50.64 20.00 -0.60
C GLY A 577 50.94 20.03 0.88
N LYS A 578 50.14 20.80 1.61
CA LYS A 578 50.34 20.98 3.05
C LYS A 578 50.34 19.62 3.75
N VAL A 579 51.18 19.50 4.79
CA VAL A 579 51.38 18.20 5.44
C VAL A 579 50.06 17.71 6.02
N GLN A 580 50.00 16.40 6.22
CA GLN A 580 48.82 15.73 6.76
C GLN A 580 49.27 14.43 7.37
N ARG A 581 48.63 14.04 8.47
CA ARG A 581 48.89 12.73 9.05
C ARG A 581 48.70 11.66 7.97
N VAL A 582 49.64 10.71 7.90
CA VAL A 582 49.69 9.75 6.81
C VAL A 582 49.03 8.43 7.17
N LEU A 583 49.35 7.87 8.34
CA LEU A 583 48.98 6.50 8.64
C LEU A 583 48.43 6.37 10.05
N ILE A 584 47.35 5.60 10.17
CA ILE A 584 46.93 4.99 11.42
C ILE A 584 46.69 3.52 11.13
N VAL A 585 47.34 2.65 11.89
CA VAL A 585 47.22 1.22 11.67
C VAL A 585 47.19 0.55 13.03
N ASP A 586 46.32 -0.44 13.19
CA ASP A 586 46.29 -1.18 14.44
C ASP A 586 47.41 -2.21 14.46
N ASP A 587 47.61 -2.84 15.62
CA ASP A 587 48.78 -3.70 15.81
C ASP A 587 48.74 -4.93 14.90
N SER A 588 47.56 -5.53 14.71
CA SER A 588 47.49 -6.74 13.90
C SER A 588 47.65 -6.45 12.41
N SER A 589 47.25 -5.27 11.95
CA SER A 589 47.48 -4.97 10.55
C SER A 589 48.92 -4.54 10.30
N LYS A 590 49.52 -3.83 11.26
CA LYS A 590 50.93 -3.45 11.14
C LYS A 590 51.82 -4.66 10.90
N GLY A 591 51.45 -5.82 11.45
CA GLY A 591 52.28 -7.01 11.33
C GLY A 591 52.51 -7.49 9.91
N THR A 592 51.63 -7.12 8.96
CA THR A 592 51.81 -7.51 7.57
C THR A 592 51.70 -6.30 6.64
N LEU A 593 51.97 -5.12 7.14
CA LEU A 593 51.95 -3.93 6.31
C LEU A 593 53.32 -3.71 5.67
N ILE A 594 53.39 -3.81 4.35
CA ILE A 594 54.56 -3.38 3.59
C ILE A 594 54.40 -1.90 3.26
N ASP A 595 55.39 -1.10 3.61
CA ASP A 595 55.31 0.35 3.41
C ASP A 595 56.69 0.83 3.01
N ASP A 596 56.84 1.24 1.74
CA ASP A 596 58.14 1.68 1.24
C ASP A 596 58.46 3.15 1.58
N GLY A 597 57.66 3.78 2.44
CA GLY A 597 57.87 5.17 2.78
C GLY A 597 57.68 6.17 1.66
N SER A 598 56.92 5.82 0.60
CA SER A 598 56.65 6.76 -0.48
C SER A 598 56.03 8.06 0.03
N ILE A 599 55.13 7.95 0.99
CA ILE A 599 54.55 9.09 1.67
C ILE A 599 54.90 8.96 3.15
N LYS A 600 55.42 10.04 3.72
CA LYS A 600 55.89 10.01 5.11
C LYS A 600 55.85 11.41 5.73
N LYS B 24 -13.80 -37.09 -5.19
CA LYS B 24 -14.03 -36.15 -4.10
C LYS B 24 -13.06 -36.38 -2.95
N GLU B 25 -12.26 -35.37 -2.62
CA GLU B 25 -11.32 -35.46 -1.52
C GLU B 25 -11.95 -35.02 -0.20
N VAL B 26 -11.51 -35.65 0.89
CA VAL B 26 -11.95 -35.31 2.23
C VAL B 26 -10.71 -35.19 3.09
N LEU B 27 -10.45 -34.00 3.60
CA LEU B 27 -9.30 -33.73 4.45
C LEU B 27 -9.81 -33.56 5.87
N THR B 28 -9.14 -34.19 6.82
CA THR B 28 -9.52 -34.08 8.22
C THR B 28 -8.34 -33.54 9.01
N PHE B 29 -8.61 -32.72 10.02
CA PHE B 29 -7.53 -32.09 10.75
C PHE B 29 -7.80 -32.20 12.25
N GLU B 30 -6.76 -31.92 13.02
CA GLU B 30 -6.81 -31.95 14.47
C GLU B 30 -5.87 -30.87 14.99
N PRO B 31 -6.09 -30.39 16.21
CA PRO B 31 -5.28 -29.27 16.73
C PRO B 31 -3.82 -29.65 17.00
N VAL B 32 -3.01 -29.78 15.96
CA VAL B 32 -1.71 -30.41 16.08
C VAL B 32 -0.66 -29.44 16.59
N ALA B 33 -0.52 -28.26 15.96
CA ALA B 33 0.60 -27.38 16.22
C ALA B 33 0.11 -25.99 16.64
N GLN B 34 0.99 -25.27 17.34
CA GLN B 34 0.66 -23.93 17.81
C GLN B 34 0.21 -23.02 16.66
N ASP B 35 0.67 -23.31 15.44
CA ASP B 35 0.32 -22.57 14.24
C ASP B 35 -0.22 -23.53 13.19
N MET B 36 -1.53 -23.50 12.96
CA MET B 36 -2.13 -24.35 11.95
C MET B 36 -1.97 -23.83 10.53
N THR B 37 -1.47 -22.61 10.34
CA THR B 37 -1.41 -22.06 8.99
C THR B 37 -0.60 -22.92 8.03
N PRO B 38 0.65 -23.33 8.34
CA PRO B 38 1.42 -24.17 7.39
C PRO B 38 0.73 -25.48 7.04
N ILE B 39 0.09 -26.13 8.02
CA ILE B 39 -0.56 -27.41 7.74
C ILE B 39 -1.72 -27.23 6.74
N ILE B 40 -2.51 -26.17 6.89
CA ILE B 40 -3.59 -25.90 5.93
C ILE B 40 -3.02 -25.50 4.59
N ARG B 41 -2.01 -24.64 4.60
CA ARG B 41 -1.42 -24.14 3.36
C ARG B 41 -0.92 -25.29 2.51
N SER B 42 -0.16 -26.22 3.12
CA SER B 42 0.40 -27.33 2.38
C SER B 42 -0.67 -28.28 1.89
N ALA B 43 -1.62 -28.65 2.77
CA ALA B 43 -2.69 -29.55 2.38
C ALA B 43 -3.52 -28.98 1.24
N LEU B 44 -3.95 -27.72 1.38
CA LEU B 44 -4.77 -27.12 0.33
C LEU B 44 -4.02 -26.96 -0.98
N LYS B 45 -2.70 -26.74 -0.93
CA LYS B 45 -1.92 -26.62 -2.15
C LYS B 45 -1.85 -27.94 -2.94
N ASN B 46 -2.05 -29.08 -2.30
CA ASN B 46 -1.95 -30.36 -2.99
C ASN B 46 -3.29 -30.96 -3.36
N VAL B 47 -4.40 -30.30 -3.03
CA VAL B 47 -5.70 -30.78 -3.47
C VAL B 47 -5.71 -30.76 -4.99
N LYS B 48 -6.36 -31.76 -5.59
CA LYS B 48 -6.50 -31.80 -7.04
C LYS B 48 -7.91 -32.07 -7.52
N ASP B 49 -8.78 -32.66 -6.70
CA ASP B 49 -10.14 -32.90 -7.15
C ASP B 49 -10.98 -31.62 -7.05
N LYS B 50 -11.98 -31.54 -7.91
CA LYS B 50 -12.84 -30.37 -7.93
C LYS B 50 -13.95 -30.42 -6.89
N ASP B 51 -14.00 -31.47 -6.08
CA ASP B 51 -14.94 -31.55 -4.96
C ASP B 51 -14.15 -31.81 -3.71
N LEU B 52 -14.24 -30.90 -2.75
CA LEU B 52 -13.43 -30.97 -1.54
C LEU B 52 -14.32 -30.78 -0.32
N LYS B 53 -14.01 -31.53 0.73
CA LYS B 53 -14.61 -31.29 2.03
C LYS B 53 -13.49 -31.32 3.05
N ILE B 54 -13.47 -30.33 3.92
CA ILE B 54 -12.49 -30.22 4.98
C ILE B 54 -13.25 -30.39 6.28
N VAL B 55 -12.77 -31.29 7.13
CA VAL B 55 -13.38 -31.58 8.42
C VAL B 55 -12.37 -31.28 9.50
N PHE B 56 -12.78 -30.54 10.51
CA PHE B 56 -11.96 -30.34 11.70
C PHE B 56 -12.56 -31.10 12.86
N LYS B 57 -11.70 -31.76 13.64
CA LYS B 57 -12.13 -32.28 14.93
C LYS B 57 -12.35 -31.12 15.90
N LYS B 58 -13.43 -31.21 16.66
CA LYS B 58 -13.81 -30.12 17.53
C LYS B 58 -12.66 -29.71 18.43
N GLY B 59 -12.25 -28.45 18.31
CA GLY B 59 -11.16 -27.94 19.14
C GLY B 59 -10.87 -26.49 18.81
N THR B 60 -9.82 -25.97 19.42
CA THR B 60 -9.36 -24.61 19.18
C THR B 60 -8.12 -24.65 18.28
N TYR B 61 -8.22 -24.00 17.12
CA TYR B 61 -7.15 -23.93 16.12
C TYR B 61 -6.67 -22.50 15.97
N LYS B 62 -5.35 -22.29 16.01
CA LYS B 62 -4.79 -20.95 15.90
C LYS B 62 -4.00 -20.81 14.61
N PHE B 63 -4.13 -19.65 13.96
CA PHE B 63 -3.59 -19.40 12.63
C PHE B 63 -2.81 -18.09 12.64
N LEU B 64 -1.53 -18.16 12.32
CA LEU B 64 -0.75 -16.94 12.21
C LEU B 64 -0.57 -16.57 10.76
N PRO B 65 -0.32 -15.30 10.47
CA PRO B 65 -0.10 -14.89 9.08
C PRO B 65 1.34 -15.07 8.61
N GLU B 66 2.29 -15.26 9.54
CA GLU B 66 3.72 -15.25 9.25
C GLU B 66 4.08 -16.13 8.05
N TYR B 67 3.60 -17.37 8.03
CA TYR B 67 3.87 -18.26 6.92
C TYR B 67 2.63 -18.48 6.05
N ALA B 68 1.63 -17.62 6.16
CA ALA B 68 0.48 -17.76 5.28
C ALA B 68 0.87 -17.39 3.86
N SER B 69 0.17 -17.99 2.90
CA SER B 69 0.26 -17.54 1.52
C SER B 69 -0.06 -16.06 1.43
N SER B 70 0.55 -15.39 0.46
CA SER B 70 0.27 -14.00 0.19
C SER B 70 -0.11 -13.84 -1.27
N GLU B 71 -1.19 -13.11 -1.51
CA GLU B 71 -1.62 -12.79 -2.85
C GLU B 71 -2.10 -11.35 -2.88
N TYR B 72 -1.86 -10.68 -4.00
CA TYR B 72 -2.52 -9.40 -4.23
C TYR B 72 -4.01 -9.66 -4.48
N ARG B 73 -4.88 -8.99 -3.72
CA ARG B 73 -6.31 -9.25 -3.78
C ARG B 73 -7.09 -7.96 -4.02
N ARG B 74 -8.20 -8.11 -4.75
CA ARG B 74 -9.15 -7.03 -4.96
C ARG B 74 -10.38 -7.35 -4.12
N ILE B 75 -10.75 -6.45 -3.22
CA ILE B 75 -11.81 -6.70 -2.25
C ILE B 75 -12.73 -5.50 -2.24
N THR B 76 -13.96 -5.67 -2.70
CA THR B 76 -14.84 -4.50 -2.79
C THR B 76 -15.11 -3.90 -1.42
N ASN B 77 -15.19 -2.57 -1.40
CA ASN B 77 -15.52 -1.81 -0.19
C ASN B 77 -14.51 -2.05 0.93
N HIS B 78 -13.32 -2.53 0.56
CA HIS B 78 -12.13 -2.65 1.39
C HIS B 78 -10.97 -2.10 0.57
N GLY B 79 -9.78 -2.08 1.16
CA GLY B 79 -8.59 -1.68 0.43
C GLY B 79 -7.93 -2.88 -0.23
N ASN B 80 -7.50 -2.69 -1.47
CA ASN B 80 -6.76 -3.70 -2.21
C ASN B 80 -5.30 -3.73 -1.75
N GLY B 81 -4.63 -4.82 -2.06
CA GLY B 81 -3.22 -4.92 -1.76
C GLY B 81 -2.84 -6.36 -1.48
N LEU B 82 -1.59 -6.52 -1.08
CA LEU B 82 -1.07 -7.83 -0.73
C LEU B 82 -1.79 -8.29 0.54
N LYS B 83 -2.34 -9.49 0.50
CA LYS B 83 -3.04 -10.07 1.65
C LYS B 83 -2.35 -11.36 2.10
N LYS B 84 -2.24 -11.55 3.41
CA LYS B 84 -2.00 -12.87 3.97
C LYS B 84 -3.34 -13.58 4.13
N ILE B 85 -3.41 -14.83 3.65
CA ILE B 85 -4.67 -15.58 3.51
C ILE B 85 -4.51 -16.95 4.15
N ALA B 86 -5.39 -17.29 5.08
CA ALA B 86 -5.33 -18.61 5.73
C ALA B 86 -5.95 -19.68 4.85
N PHE B 87 -7.19 -19.46 4.40
CA PHE B 87 -7.91 -20.42 3.56
C PHE B 87 -8.24 -19.77 2.23
N SER B 88 -7.65 -20.26 1.15
CA SER B 88 -7.97 -19.77 -0.18
C SER B 88 -8.47 -20.95 -0.99
N LEU B 89 -9.77 -20.93 -1.30
CA LEU B 89 -10.46 -22.03 -1.99
C LEU B 89 -10.98 -21.48 -3.30
N ASP B 90 -10.31 -21.85 -4.40
CA ASP B 90 -10.48 -21.23 -5.70
C ASP B 90 -10.79 -22.31 -6.73
N GLY B 91 -11.95 -22.20 -7.41
CA GLY B 91 -12.24 -23.00 -8.58
C GLY B 91 -12.89 -24.35 -8.34
N PHE B 92 -13.48 -24.60 -7.17
CA PHE B 92 -14.07 -25.90 -6.88
C PHE B 92 -15.47 -26.04 -7.46
N ASP B 93 -15.78 -27.25 -7.93
CA ASP B 93 -17.18 -27.60 -8.19
C ASP B 93 -17.98 -27.57 -6.90
N SER B 94 -17.36 -27.96 -5.80
CA SER B 94 -17.99 -28.00 -4.50
C SER B 94 -16.88 -27.98 -3.47
N VAL B 95 -17.00 -27.08 -2.50
CA VAL B 95 -16.07 -27.04 -1.38
C VAL B 95 -16.90 -26.81 -0.13
N GLU B 96 -16.59 -27.54 0.92
CA GLU B 96 -17.34 -27.49 2.17
C GLU B 96 -16.35 -27.51 3.32
N ILE B 97 -16.58 -26.67 4.32
CA ILE B 97 -15.80 -26.70 5.55
C ILE B 97 -16.75 -27.03 6.69
N GLU B 98 -16.42 -28.08 7.43
CA GLU B 98 -17.17 -28.52 8.59
C GLU B 98 -16.29 -28.28 9.79
N GLY B 99 -16.65 -27.27 10.58
CA GLY B 99 -15.90 -26.93 11.77
C GLY B 99 -16.23 -27.76 12.97
N ALA B 100 -17.38 -28.45 12.94
CA ALA B 100 -17.81 -29.32 14.04
C ALA B 100 -17.74 -28.60 15.38
N GLY B 101 -18.10 -27.32 15.39
CA GLY B 101 -18.12 -26.55 16.62
C GLY B 101 -16.79 -25.98 17.04
N SER B 102 -15.76 -26.09 16.20
CA SER B 102 -14.43 -25.60 16.55
C SER B 102 -14.38 -24.09 16.64
N GLU B 103 -13.32 -23.60 17.27
CA GLU B 103 -13.00 -22.19 17.29
C GLU B 103 -11.70 -21.98 16.51
N PHE B 104 -11.74 -21.07 15.52
CA PHE B 104 -10.56 -20.64 14.78
C PHE B 104 -10.12 -19.27 15.30
N VAL B 105 -8.90 -19.18 15.84
CA VAL B 105 -8.34 -17.93 16.35
C VAL B 105 -7.31 -17.39 15.35
N PHE B 106 -7.54 -16.18 14.84
CA PHE B 106 -6.58 -15.58 13.93
C PHE B 106 -5.76 -14.51 14.65
N HIS B 107 -4.77 -13.98 13.94
CA HIS B 107 -3.73 -13.15 14.54
C HIS B 107 -3.23 -12.15 13.51
N GLY B 108 -3.17 -10.88 13.91
CA GLY B 108 -2.58 -9.89 13.01
C GLY B 108 -3.43 -9.60 11.77
N GLN B 109 -2.74 -9.12 10.74
CA GLN B 109 -3.41 -8.76 9.49
C GLN B 109 -3.50 -10.02 8.63
N ILE B 110 -4.68 -10.63 8.62
CA ILE B 110 -4.88 -11.84 7.84
C ILE B 110 -6.31 -11.84 7.33
N ALA B 111 -6.50 -12.44 6.15
CA ALA B 111 -7.80 -12.75 5.60
C ALA B 111 -8.11 -14.21 5.91
N PRO B 112 -9.07 -14.49 6.81
CA PRO B 112 -9.32 -15.89 7.17
C PRO B 112 -9.78 -16.77 6.01
N PHE B 113 -10.82 -16.36 5.26
CA PHE B 113 -11.40 -17.23 4.24
C PHE B 113 -11.63 -16.46 2.96
N GLU B 114 -11.27 -17.09 1.83
CA GLU B 114 -11.56 -16.59 0.50
C GLU B 114 -12.12 -17.72 -0.34
N PHE B 115 -13.31 -17.52 -0.92
CA PHE B 115 -13.98 -18.51 -1.76
C PHE B 115 -14.21 -17.88 -3.14
N TYR B 116 -13.32 -18.17 -4.08
CA TYR B 116 -13.39 -17.59 -5.42
C TYR B 116 -13.75 -18.67 -6.42
N ASN B 117 -14.68 -18.34 -7.34
CA ASN B 117 -14.94 -19.17 -8.52
C ASN B 117 -15.35 -20.60 -8.16
N ASN B 118 -16.28 -20.72 -7.21
CA ASN B 118 -16.75 -22.02 -6.72
C ASN B 118 -18.21 -22.20 -7.07
N LYS B 119 -18.53 -23.37 -7.63
CA LYS B 119 -19.91 -23.64 -8.01
C LYS B 119 -20.78 -24.02 -6.83
N SER B 120 -20.18 -24.22 -5.66
CA SER B 120 -20.91 -24.54 -4.45
C SER B 120 -20.00 -24.33 -3.26
N VAL B 121 -20.48 -23.67 -2.22
CA VAL B 121 -19.71 -23.37 -1.02
C VAL B 121 -20.58 -23.64 0.19
N LYS B 122 -20.03 -24.31 1.20
CA LYS B 122 -20.74 -24.49 2.46
C LYS B 122 -19.77 -24.44 3.62
N VAL B 123 -20.06 -23.59 4.59
CA VAL B 123 -19.28 -23.47 5.82
C VAL B 123 -20.26 -23.58 6.98
N SER B 124 -19.90 -24.37 8.00
CA SER B 124 -20.85 -24.58 9.08
C SER B 124 -20.14 -24.91 10.38
N ASN B 125 -20.78 -24.51 11.48
CA ASN B 125 -20.36 -24.92 12.83
C ASN B 125 -18.94 -24.46 13.13
N ILE B 126 -18.74 -23.15 13.08
CA ILE B 126 -17.42 -22.60 13.34
C ILE B 126 -17.55 -21.21 13.96
N THR B 127 -16.64 -20.93 14.89
CA THR B 127 -16.53 -19.63 15.52
C THR B 127 -15.19 -19.01 15.12
N ILE B 128 -15.22 -17.72 14.79
CA ILE B 128 -14.07 -16.96 14.30
C ILE B 128 -13.76 -15.88 15.31
N ASP B 129 -12.48 -15.72 15.65
CA ASP B 129 -12.06 -14.61 16.51
C ASP B 129 -10.58 -14.36 16.29
N TRP B 130 -10.12 -13.22 16.83
CA TRP B 130 -8.72 -12.84 16.87
C TRP B 130 -8.17 -13.06 18.27
N ASP B 131 -6.85 -13.27 18.35
CA ASP B 131 -6.23 -13.31 19.67
C ASP B 131 -6.04 -11.91 20.27
N ILE B 132 -5.77 -10.91 19.44
CA ILE B 132 -5.67 -9.52 19.89
C ILE B 132 -6.44 -8.67 18.90
N PRO B 133 -7.53 -8.01 19.30
CA PRO B 133 -8.32 -7.22 18.34
C PRO B 133 -7.57 -5.99 17.87
N PHE B 134 -7.98 -5.50 16.70
CA PHE B 134 -7.40 -4.29 16.13
C PHE B 134 -8.25 -3.08 16.50
N THR B 135 -8.43 -2.92 17.81
CA THR B 135 -9.20 -1.84 18.38
C THR B 135 -8.46 -1.28 19.59
N PHE B 136 -8.77 -0.03 19.89
CA PHE B 136 -8.34 0.61 21.12
C PHE B 136 -9.61 1.07 21.83
N VAL B 137 -9.84 0.54 23.04
CA VAL B 137 -11.04 0.78 23.81
C VAL B 137 -10.65 1.33 25.18
N ALA B 138 -11.31 2.40 25.62
CA ALA B 138 -10.93 3.08 26.85
C ALA B 138 -12.14 3.74 27.49
N GLU B 139 -12.16 3.77 28.83
CA GLU B 139 -13.20 4.46 29.58
C GLU B 139 -12.83 5.92 29.77
N VAL B 140 -13.78 6.82 29.49
CA VAL B 140 -13.55 8.26 29.55
C VAL B 140 -13.68 8.70 30.99
N LEU B 141 -12.56 9.12 31.59
CA LEU B 141 -12.53 9.53 32.99
C LEU B 141 -12.74 11.03 33.15
N SER B 142 -12.27 11.85 32.22
CA SER B 142 -12.45 13.28 32.33
C SER B 142 -12.24 13.92 30.96
N VAL B 143 -12.94 15.02 30.72
CA VAL B 143 -12.84 15.78 29.48
C VAL B 143 -12.57 17.24 29.83
N ASN B 144 -11.58 17.84 29.17
CA ASN B 144 -11.28 19.27 29.35
C ASN B 144 -11.38 19.95 27.99
N GLU B 145 -12.54 20.58 27.75
CA GLU B 145 -12.77 21.22 26.47
C GLU B 145 -12.02 22.54 26.34
N LYS B 146 -11.78 23.24 27.45
CA LYS B 146 -11.03 24.49 27.39
C LYS B 146 -9.59 24.24 26.94
N LEU B 147 -8.94 23.26 27.55
CA LEU B 147 -7.55 22.95 27.23
C LEU B 147 -7.38 21.91 26.13
N GLY B 148 -8.47 21.23 25.74
CA GLY B 148 -8.41 20.26 24.65
C GLY B 148 -7.69 18.99 24.99
N TYR B 149 -8.16 18.27 26.00
CA TYR B 149 -7.64 16.95 26.30
C TYR B 149 -8.73 16.10 26.93
N ARG B 150 -8.46 14.80 27.04
CA ARG B 150 -9.34 13.88 27.75
C ARG B 150 -8.48 12.83 28.41
N ASP B 151 -8.88 12.42 29.62
CA ASP B 151 -8.22 11.37 30.37
C ASP B 151 -9.03 10.10 30.24
N VAL B 152 -8.36 9.01 29.89
CA VAL B 152 -9.03 7.75 29.62
C VAL B 152 -8.25 6.62 30.29
N ARG B 153 -8.97 5.56 30.65
CA ARG B 153 -8.29 4.35 31.08
C ARG B 153 -8.51 3.27 30.03
N PRO B 154 -7.48 2.87 29.30
CA PRO B 154 -7.62 1.77 28.34
C PRO B 154 -8.14 0.50 28.98
N VAL B 155 -9.06 -0.18 28.28
CA VAL B 155 -9.50 -1.51 28.69
C VAL B 155 -8.39 -2.51 28.41
N LYS B 156 -8.12 -3.42 29.35
CA LYS B 156 -7.07 -4.37 29.07
C LYS B 156 -7.58 -5.59 28.32
N GLY B 157 -8.23 -6.52 29.00
CA GLY B 157 -8.57 -7.80 28.40
C GLY B 157 -7.45 -8.38 27.53
N ASP B 158 -7.74 -8.60 26.25
CA ASP B 158 -6.71 -8.99 25.30
C ASP B 158 -6.42 -7.88 24.30
N HIS B 159 -6.68 -6.64 24.67
CA HIS B 159 -6.23 -5.49 23.91
C HIS B 159 -4.74 -5.25 24.14
N GLN B 160 -4.09 -4.61 23.17
CA GLN B 160 -2.67 -4.35 23.25
C GLN B 160 -2.40 -2.96 22.69
N TRP B 161 -1.45 -2.27 23.30
CA TRP B 161 -1.11 -0.89 22.95
C TRP B 161 0.09 -0.46 23.79
N ASP B 162 0.73 0.62 23.38
CA ASP B 162 1.76 1.27 24.20
C ASP B 162 1.92 2.71 23.75
N LEU B 163 2.91 3.40 24.34
CA LEU B 163 3.27 4.76 23.99
C LEU B 163 4.67 4.75 23.39
N LYS B 164 4.83 5.41 22.26
CA LYS B 164 6.14 5.58 21.64
C LYS B 164 6.05 6.80 20.74
N GLY B 165 7.07 7.65 20.79
CA GLY B 165 7.00 8.89 20.06
C GLY B 165 5.96 9.84 20.59
N GLY B 166 5.52 9.66 21.83
CA GLY B 166 4.53 10.54 22.41
C GLY B 166 3.10 10.34 21.96
N LYS B 167 2.73 9.13 21.53
CA LYS B 167 1.36 8.89 21.10
C LYS B 167 1.06 7.40 21.21
N ILE B 168 -0.23 7.06 21.09
CA ILE B 168 -0.67 5.67 21.24
C ILE B 168 -0.28 4.87 20.00
N ARG B 169 0.31 3.69 20.23
CA ARG B 169 0.49 2.68 19.20
C ARG B 169 -0.44 1.51 19.52
N PHE B 170 -1.18 1.05 18.53
CA PHE B 170 -1.99 -0.15 18.69
C PHE B 170 -2.27 -0.73 17.31
N PRO B 171 -2.44 -2.05 17.20
CA PRO B 171 -2.32 -3.03 18.29
C PRO B 171 -0.90 -3.57 18.57
N ASN B 172 0.11 -3.12 17.81
CA ASN B 172 1.48 -3.63 17.95
C ASN B 172 1.54 -5.15 17.79
N VAL B 173 0.91 -5.66 16.73
CA VAL B 173 0.93 -7.08 16.42
C VAL B 173 1.78 -7.27 15.16
N ASP B 174 2.72 -8.23 15.23
CA ASP B 174 3.67 -8.46 14.14
C ASP B 174 4.27 -7.15 13.63
N GLY B 175 4.55 -6.22 14.53
CA GLY B 175 5.16 -4.96 14.17
C GLY B 175 4.24 -3.94 13.54
N PHE B 176 2.94 -4.20 13.46
CA PHE B 176 2.02 -3.24 12.85
C PHE B 176 1.38 -2.35 13.90
N SER B 177 1.19 -1.08 13.55
CA SER B 177 0.50 -0.16 14.42
C SER B 177 -0.12 0.94 13.57
N TYR B 178 -1.31 1.38 13.97
CA TYR B 178 -1.93 2.49 13.27
C TYR B 178 -1.20 3.79 13.61
N ASN B 179 -1.44 4.81 12.81
CA ASN B 179 -0.85 6.11 13.10
C ASN B 179 -1.64 6.82 14.19
N TYR B 180 -2.97 6.76 14.13
CA TYR B 180 -3.83 7.48 15.06
C TYR B 180 -4.97 6.57 15.47
N LEU B 181 -5.70 7.00 16.50
CA LEU B 181 -6.85 6.22 16.91
C LEU B 181 -7.89 6.18 15.80
N GLY B 182 -7.98 7.23 14.99
CA GLY B 182 -8.91 7.26 13.89
C GLY B 182 -10.36 7.47 14.31
N SER B 183 -11.27 6.88 13.54
CA SER B 183 -12.69 7.06 13.80
C SER B 183 -13.04 6.49 15.16
N THR B 184 -13.68 7.31 15.97
CA THR B 184 -13.87 6.98 17.38
C THR B 184 -15.32 7.24 17.74
N LEU B 185 -15.90 6.36 18.56
CA LEU B 185 -17.30 6.48 18.95
C LEU B 185 -17.44 6.06 20.41
N ALA B 186 -18.39 6.68 21.10
CA ALA B 186 -18.61 6.44 22.52
C ALA B 186 -19.74 5.44 22.74
N TRP B 187 -19.53 4.50 23.66
CA TRP B 187 -20.49 3.45 23.94
C TRP B 187 -20.84 3.44 25.42
N ASP B 188 -22.03 2.90 25.72
CA ASP B 188 -22.44 2.66 27.09
C ASP B 188 -21.71 1.46 27.65
N LYS B 189 -21.03 1.67 28.78
CA LYS B 189 -20.16 0.63 29.36
C LYS B 189 -20.93 -0.63 29.75
N ASN B 190 -22.16 -0.48 30.22
CA ASN B 190 -22.94 -1.63 30.71
C ASN B 190 -23.78 -2.31 29.62
N GLU B 191 -24.36 -1.55 28.68
CA GLU B 191 -25.11 -2.16 27.59
C GLU B 191 -24.25 -2.55 26.39
N LYS B 192 -23.05 -1.97 26.26
CA LYS B 192 -22.19 -2.16 25.09
C LYS B 192 -22.97 -1.84 23.81
N ARG B 193 -23.60 -0.67 23.82
CA ARG B 193 -24.21 -0.06 22.65
C ARG B 193 -23.82 1.42 22.64
N VAL B 194 -23.95 2.04 21.47
CA VAL B 194 -23.62 3.45 21.33
C VAL B 194 -24.43 4.30 22.30
N VAL B 195 -23.79 5.30 22.91
CA VAL B 195 -24.48 6.16 23.86
C VAL B 195 -25.61 6.92 23.15
N HIS B 196 -26.61 7.32 23.95
CA HIS B 196 -27.67 8.18 23.44
C HIS B 196 -27.10 9.48 22.90
N GLY B 197 -27.41 9.80 21.65
CA GLY B 197 -26.80 10.95 21.00
C GLY B 197 -25.38 10.76 20.52
N GLY B 198 -24.85 9.54 20.54
CA GLY B 198 -23.51 9.29 20.05
C GLY B 198 -23.28 9.86 18.68
N ILE B 199 -22.09 10.44 18.47
CA ILE B 199 -21.66 11.04 17.21
C ILE B 199 -20.24 10.56 16.94
N ASP B 200 -19.93 10.27 15.67
CA ASP B 200 -18.58 9.88 15.30
C ASP B 200 -17.60 11.04 15.51
N SER B 201 -16.38 10.70 15.91
CA SER B 201 -15.34 11.68 16.21
C SER B 201 -14.00 11.15 15.73
N LYS B 202 -13.31 11.95 14.91
CA LYS B 202 -11.98 11.60 14.42
C LYS B 202 -10.95 11.97 15.47
N SER B 203 -10.14 11.01 15.91
CA SER B 203 -9.05 11.28 16.85
C SER B 203 -7.73 11.20 16.11
N LYS B 204 -7.01 12.34 16.08
CA LYS B 204 -5.68 12.43 15.47
C LYS B 204 -4.78 13.19 16.45
N SER B 205 -4.28 12.50 17.47
CA SER B 205 -3.57 13.14 18.58
C SER B 205 -2.11 12.76 18.50
N ASP B 206 -1.24 13.77 18.37
CA ASP B 206 0.20 13.53 18.41
C ASP B 206 0.77 13.50 19.82
N ASP B 207 -0.05 13.72 20.84
CA ASP B 207 0.47 13.99 22.18
C ASP B 207 -0.36 13.27 23.24
N VAL B 208 0.10 12.07 23.61
CA VAL B 208 -0.56 11.23 24.59
C VAL B 208 0.46 10.91 25.66
N GLU B 209 0.11 11.14 26.92
CA GLU B 209 1.04 10.88 28.01
C GLU B 209 0.44 9.90 29.01
N ASP B 210 1.35 9.16 29.64
CA ASP B 210 0.98 8.24 30.71
C ASP B 210 0.88 9.04 32.00
N LEU B 211 -0.32 9.12 32.57
CA LEU B 211 -0.51 9.79 33.86
C LEU B 211 -0.36 8.82 35.04
N GLY B 212 0.10 7.59 34.79
CA GLY B 212 0.19 6.60 35.84
C GLY B 212 -1.16 6.03 36.22
N ASN B 213 -1.15 4.89 36.92
CA ASN B 213 -2.37 4.20 37.36
C ASN B 213 -3.23 3.79 36.17
N GLY B 214 -2.59 3.43 35.06
CA GLY B 214 -3.29 2.95 33.89
C GLY B 214 -4.10 4.02 33.17
N VAL B 215 -3.78 5.29 33.39
CA VAL B 215 -4.54 6.40 32.81
C VAL B 215 -3.67 7.12 31.80
N LEU B 216 -4.29 7.49 30.67
CA LEU B 216 -3.64 8.24 29.61
C LEU B 216 -4.36 9.56 29.42
N ARG B 217 -3.62 10.58 29.03
CA ARG B 217 -4.18 11.89 28.68
C ARG B 217 -3.96 12.11 27.20
N ILE B 218 -5.04 12.27 26.46
CA ILE B 218 -4.99 12.43 25.02
C ILE B 218 -5.23 13.91 24.72
N HIS B 219 -4.19 14.58 24.23
CA HIS B 219 -4.26 15.99 23.91
C HIS B 219 -4.74 16.15 22.48
N GLU B 220 -5.88 16.81 22.31
CA GLU B 220 -6.39 17.27 21.02
C GLU B 220 -7.73 17.92 21.27
N ARG B 221 -8.12 18.86 20.43
CA ARG B 221 -9.46 19.46 20.49
C ARG B 221 -10.40 18.68 19.58
N LEU B 222 -11.54 18.29 20.15
CA LEU B 222 -12.56 17.55 19.43
C LEU B 222 -13.80 18.42 19.24
N LYS B 223 -14.43 18.29 18.06
CA LYS B 223 -15.71 18.95 17.87
C LYS B 223 -16.80 18.34 18.75
N ASP B 224 -16.72 17.03 18.97
CA ASP B 224 -17.66 16.33 19.84
C ASP B 224 -16.87 15.45 20.80
N TYR B 225 -16.98 15.74 22.14
CA TYR B 225 -16.24 14.97 23.14
C TYR B 225 -17.07 13.79 23.64
N PRO B 226 -16.43 12.67 23.97
CA PRO B 226 -17.18 11.54 24.51
C PRO B 226 -17.64 11.84 25.92
N PRO B 227 -18.78 11.31 26.35
CA PRO B 227 -19.27 11.56 27.71
C PRO B 227 -18.46 10.79 28.75
N VAL B 228 -18.26 11.44 29.91
CA VAL B 228 -17.54 10.79 31.00
C VAL B 228 -18.30 9.54 31.45
N GLY B 229 -17.57 8.45 31.68
CA GLY B 229 -18.17 7.18 32.02
C GLY B 229 -18.46 6.27 30.83
N SER B 230 -18.46 6.81 29.61
CA SER B 230 -18.64 6.00 28.42
C SER B 230 -17.32 5.34 28.01
N LEU B 231 -17.42 4.21 27.32
CA LEU B 231 -16.28 3.59 26.65
C LEU B 231 -16.23 4.08 25.21
N THR B 232 -15.05 4.44 24.74
CA THR B 232 -14.85 4.80 23.35
C THR B 232 -14.13 3.66 22.63
N SER B 233 -14.54 3.43 21.38
CA SER B 233 -13.88 2.51 20.48
C SER B 233 -13.11 3.31 19.43
N SER B 234 -11.94 2.79 19.05
CA SER B 234 -11.16 3.34 17.95
C SER B 234 -10.64 2.19 17.12
N LYS B 235 -10.73 2.33 15.80
CA LYS B 235 -10.37 1.25 14.89
C LYS B 235 -9.20 1.62 13.97
N GLY B 236 -8.62 2.80 14.13
CA GLY B 236 -7.38 3.14 13.44
C GLY B 236 -7.58 3.99 12.19
N ASP B 237 -6.53 4.02 11.37
CA ASP B 237 -6.51 4.93 10.23
C ASP B 237 -7.43 4.44 9.12
N ARG B 238 -8.22 5.36 8.58
CA ARG B 238 -9.19 5.04 7.54
C ARG B 238 -8.58 4.26 6.38
N GLU B 239 -7.31 4.48 6.09
CA GLU B 239 -6.75 3.97 4.86
C GLU B 239 -6.11 2.60 4.98
N THR B 240 -5.98 2.05 6.19
CA THR B 240 -5.48 0.70 6.36
C THR B 240 -6.36 -0.22 7.20
N HIS B 241 -7.45 0.27 7.80
CA HIS B 241 -8.18 -0.59 8.72
C HIS B 241 -9.24 -1.46 8.03
N ARG B 242 -9.48 -1.30 6.73
CA ARG B 242 -10.31 -2.24 5.97
C ARG B 242 -9.33 -3.18 5.26
N TYR B 243 -8.85 -4.15 6.02
CA TYR B 243 -7.81 -5.03 5.50
C TYR B 243 -8.42 -6.18 4.68
N ALA B 244 -9.43 -6.87 5.24
CA ALA B 244 -10.10 -8.00 4.59
C ALA B 244 -11.27 -8.44 5.45
N PRO B 245 -12.34 -8.96 4.85
CA PRO B 245 -13.42 -9.53 5.66
C PRO B 245 -13.04 -10.92 6.18
N ALA B 246 -13.81 -11.37 7.17
CA ALA B 246 -13.66 -12.73 7.65
C ALA B 246 -13.87 -13.72 6.51
N PHE B 247 -14.92 -13.48 5.73
CA PHE B 247 -15.25 -14.27 4.55
C PHE B 247 -15.41 -13.32 3.38
N GLN B 248 -14.67 -13.58 2.30
CA GLN B 248 -14.90 -12.95 1.00
C GLN B 248 -15.30 -14.04 0.02
N VAL B 249 -16.47 -13.90 -0.57
CA VAL B 249 -16.99 -14.82 -1.58
C VAL B 249 -17.11 -14.06 -2.88
N LYS B 250 -16.36 -14.49 -3.90
CA LYS B 250 -16.26 -13.83 -5.19
C LYS B 250 -16.62 -14.84 -6.27
N ASN B 251 -17.46 -14.41 -7.21
CA ASN B 251 -17.76 -15.19 -8.41
C ASN B 251 -18.13 -16.64 -8.05
N SER B 252 -18.91 -16.82 -7.00
CA SER B 252 -19.35 -18.15 -6.57
C SER B 252 -20.87 -18.25 -6.55
N LYS B 253 -21.38 -19.47 -6.42
CA LYS B 253 -22.82 -19.69 -6.33
C LYS B 253 -23.12 -20.82 -5.36
N ASN B 254 -24.39 -20.88 -4.94
CA ASN B 254 -24.88 -21.89 -4.01
C ASN B 254 -24.04 -21.91 -2.73
N ILE B 255 -24.12 -20.81 -1.98
CA ILE B 255 -23.30 -20.58 -0.80
C ILE B 255 -24.19 -20.65 0.42
N VAL B 256 -23.75 -21.39 1.43
CA VAL B 256 -24.49 -21.56 2.67
C VAL B 256 -23.51 -21.39 3.82
N PHE B 257 -23.81 -20.42 4.68
CA PHE B 257 -23.21 -20.34 6.00
C PHE B 257 -24.26 -20.74 7.01
N ASP B 258 -23.92 -21.69 7.88
CA ASP B 258 -24.87 -22.26 8.83
C ASP B 258 -24.17 -22.43 10.17
N ASN B 259 -24.66 -21.73 11.19
CA ASN B 259 -24.05 -21.80 12.52
C ASN B 259 -22.58 -21.37 12.45
N VAL B 260 -22.35 -20.21 11.84
CA VAL B 260 -21.02 -19.59 11.76
C VAL B 260 -21.07 -18.29 12.56
N VAL B 261 -20.16 -18.12 13.51
CA VAL B 261 -20.16 -16.98 14.42
C VAL B 261 -18.84 -16.25 14.29
N ILE B 262 -18.89 -14.93 14.17
CA ILE B 262 -17.71 -14.09 14.00
C ILE B 262 -17.63 -13.12 15.18
N HIS B 263 -16.52 -13.17 15.92
CA HIS B 263 -16.31 -12.21 16.99
C HIS B 263 -15.45 -11.03 16.58
N HIS B 264 -14.69 -11.15 15.49
CA HIS B 264 -13.80 -10.07 15.07
C HIS B 264 -13.39 -10.32 13.62
N ALA B 265 -13.06 -9.22 12.93
CA ALA B 265 -12.44 -9.26 11.61
C ALA B 265 -11.95 -7.86 11.31
N LEU B 266 -10.92 -7.78 10.47
CA LEU B 266 -10.32 -6.50 10.08
C LEU B 266 -11.06 -5.93 8.88
N GLY B 267 -12.37 -5.82 9.04
CA GLY B 267 -13.25 -5.45 7.96
C GLY B 267 -14.63 -6.03 8.23
N MET B 268 -15.29 -6.44 7.14
CA MET B 268 -16.66 -6.92 7.24
C MET B 268 -16.68 -8.40 7.66
N GLY B 269 -17.87 -8.87 8.04
CA GLY B 269 -18.02 -10.26 8.44
C GLY B 269 -18.17 -11.22 7.28
N PHE B 270 -19.32 -11.16 6.59
CA PHE B 270 -19.60 -11.96 5.41
C PHE B 270 -19.75 -11.03 4.20
N LEU B 271 -18.78 -11.07 3.28
CA LEU B 271 -18.82 -10.22 2.09
C LEU B 271 -18.92 -11.09 0.86
N PHE B 272 -19.86 -10.76 -0.03
CA PHE B 272 -20.11 -11.49 -1.27
C PHE B 272 -20.05 -10.50 -2.42
N GLU B 273 -19.34 -10.87 -3.49
CA GLU B 273 -19.20 -10.06 -4.69
C GLU B 273 -19.53 -10.93 -5.88
N LYS B 274 -20.40 -10.45 -6.77
CA LYS B 274 -20.73 -11.14 -8.02
C LYS B 274 -21.03 -12.61 -7.77
N SER B 275 -21.84 -12.87 -6.76
CA SER B 275 -22.15 -14.24 -6.37
C SER B 275 -23.67 -14.46 -6.37
N GLU B 276 -24.05 -15.72 -6.33
CA GLU B 276 -25.43 -16.07 -6.65
C GLU B 276 -25.96 -17.09 -5.66
N ASP B 277 -27.18 -16.88 -5.15
CA ASP B 277 -27.87 -17.83 -4.29
C ASP B 277 -27.17 -18.08 -2.96
N ILE B 278 -27.33 -17.15 -2.03
CA ILE B 278 -26.62 -17.12 -0.76
C ILE B 278 -27.60 -17.30 0.40
N GLN B 279 -27.20 -18.10 1.39
CA GLN B 279 -27.97 -18.24 2.62
C GLN B 279 -27.04 -18.08 3.81
N ILE B 280 -27.43 -17.24 4.76
CA ILE B 280 -26.76 -17.13 6.04
C ILE B 280 -27.80 -17.55 7.08
N LEU B 281 -27.54 -18.68 7.72
CA LEU B 281 -28.55 -19.35 8.54
C LEU B 281 -27.97 -19.60 9.91
N ASN B 282 -28.71 -19.20 10.94
CA ASN B 282 -28.35 -19.50 12.33
C ASN B 282 -26.92 -19.07 12.61
N SER B 283 -26.51 -17.94 12.02
CA SER B 283 -25.13 -17.45 12.07
C SER B 283 -25.09 -16.09 12.75
N GLY B 284 -23.89 -15.53 12.93
CA GLY B 284 -23.91 -14.22 13.54
C GLY B 284 -22.55 -13.53 13.59
N VAL B 285 -22.61 -12.26 13.95
CA VAL B 285 -21.47 -11.42 14.26
C VAL B 285 -21.82 -10.73 15.58
N TYR B 286 -21.09 -11.03 16.65
CA TYR B 286 -21.37 -10.42 17.94
C TYR B 286 -20.21 -10.67 18.90
N LEU B 287 -20.33 -10.09 20.09
CA LEU B 287 -19.31 -10.23 21.12
C LEU B 287 -19.38 -11.58 21.81
N ARG B 288 -18.23 -12.07 22.25
CA ARG B 288 -18.18 -13.31 23.02
C ARG B 288 -18.66 -13.04 24.45
N ASP B 289 -19.65 -13.83 24.90
CA ASP B 289 -20.15 -13.72 26.27
C ASP B 289 -19.01 -13.70 27.28
N GLY B 290 -19.08 -12.79 28.25
CA GLY B 290 -18.09 -12.74 29.30
C GLY B 290 -16.79 -12.07 28.93
N SER B 291 -16.59 -11.70 27.67
CA SER B 291 -15.35 -11.07 27.25
C SER B 291 -15.33 -9.60 27.64
N GLU B 292 -14.16 -8.98 27.46
CA GLU B 292 -14.02 -7.54 27.65
C GLU B 292 -13.99 -6.81 26.31
N ARG B 293 -14.44 -7.45 25.25
CA ARG B 293 -14.50 -6.80 23.95
C ARG B 293 -15.67 -5.82 23.90
N LEU B 294 -15.50 -4.79 23.08
CA LEU B 294 -16.60 -3.89 22.76
C LEU B 294 -17.05 -3.99 21.31
N ILE B 295 -16.16 -4.37 20.39
CA ILE B 295 -16.42 -4.34 18.95
C ILE B 295 -16.36 -5.75 18.40
N SER B 296 -17.32 -6.12 17.54
CA SER B 296 -17.13 -7.40 16.87
C SER B 296 -16.35 -7.30 15.55
N THR B 297 -17.03 -6.99 14.45
CA THR B 297 -16.32 -6.72 13.20
C THR B 297 -16.12 -5.23 13.12
N THR B 298 -14.99 -4.82 12.54
CA THR B 298 -14.77 -3.38 12.44
C THR B 298 -15.52 -2.75 11.28
N ALA B 299 -16.21 -3.54 10.45
CA ALA B 299 -17.03 -2.99 9.37
C ALA B 299 -18.30 -3.84 9.29
N ASP B 300 -19.02 -3.74 8.16
CA ASP B 300 -20.36 -4.33 8.02
C ASP B 300 -20.42 -5.80 8.43
N ALA B 301 -21.53 -6.20 9.06
CA ALA B 301 -21.72 -7.62 9.38
C ALA B 301 -21.86 -8.45 8.10
N THR B 302 -22.74 -8.04 7.21
CA THR B 302 -23.00 -8.76 5.96
C THR B 302 -23.11 -7.70 4.88
N HIS B 303 -22.76 -8.09 3.65
CA HIS B 303 -22.59 -7.14 2.56
C HIS B 303 -22.63 -7.91 1.24
N PHE B 304 -23.44 -7.43 0.30
CA PHE B 304 -23.74 -8.13 -0.94
C PHE B 304 -23.58 -7.12 -2.07
N ALA B 305 -22.48 -7.21 -2.81
CA ALA B 305 -22.14 -6.27 -3.86
C ALA B 305 -22.40 -6.93 -5.22
N ASN B 306 -23.42 -6.44 -5.94
CA ASN B 306 -23.80 -6.99 -7.25
C ASN B 306 -23.88 -8.53 -7.22
N CYS B 307 -24.65 -9.04 -6.28
CA CYS B 307 -25.03 -10.44 -6.32
C CYS B 307 -26.32 -10.62 -7.14
N LYS B 308 -26.63 -11.86 -7.47
CA LYS B 308 -27.89 -12.15 -8.14
C LYS B 308 -28.42 -13.46 -7.58
N GLY B 309 -29.51 -13.94 -8.18
CA GLY B 309 -30.18 -15.06 -7.54
C GLY B 309 -30.89 -14.57 -6.30
N ASP B 310 -30.92 -15.41 -5.28
CA ASP B 310 -31.64 -15.11 -4.06
C ASP B 310 -30.66 -15.03 -2.88
N ILE B 311 -30.91 -14.10 -1.97
CA ILE B 311 -30.19 -14.00 -0.70
C ILE B 311 -31.18 -14.16 0.44
N LEU B 312 -30.85 -15.01 1.41
CA LEU B 312 -31.70 -15.24 2.58
C LEU B 312 -30.84 -15.10 3.82
N ILE B 313 -31.27 -14.25 4.74
CA ILE B 313 -30.68 -14.19 6.07
C ILE B 313 -31.80 -14.59 7.02
N GLU B 314 -31.57 -15.66 7.78
CA GLU B 314 -32.61 -16.21 8.63
C GLU B 314 -32.01 -16.68 9.94
N ASN B 315 -32.72 -16.41 11.03
CA ASN B 315 -32.34 -16.89 12.37
C ASN B 315 -30.94 -16.46 12.78
N SER B 316 -30.51 -15.26 12.38
CA SER B 316 -29.14 -14.84 12.69
C SER B 316 -29.16 -13.65 13.65
N ARG B 317 -27.97 -13.19 14.01
CA ARG B 317 -27.79 -12.25 15.11
C ARG B 317 -26.59 -11.39 14.81
N PHE B 318 -26.78 -10.06 14.69
CA PHE B 318 -25.68 -9.18 14.35
C PHE B 318 -25.61 -8.00 15.33
N GLU B 319 -24.50 -7.93 16.07
CA GLU B 319 -24.33 -6.93 17.12
C GLU B 319 -22.91 -6.41 17.17
N ASN B 320 -22.77 -5.15 17.59
CA ASN B 320 -21.50 -4.54 18.00
C ASN B 320 -20.50 -4.39 16.85
N MET B 321 -20.96 -4.39 15.60
CA MET B 321 -20.09 -4.01 14.50
C MET B 321 -19.90 -2.49 14.50
N LEU B 322 -18.86 -2.04 13.81
CA LEU B 322 -18.66 -0.62 13.62
C LEU B 322 -19.20 -0.14 12.27
N ASP B 323 -20.04 -0.94 11.61
CA ASP B 323 -20.82 -0.42 10.48
C ASP B 323 -22.09 -1.26 10.33
N ASP B 324 -22.77 -1.10 9.19
CA ASP B 324 -24.14 -1.59 8.99
C ASP B 324 -24.28 -3.10 9.19
N GLY B 325 -25.51 -3.52 9.53
CA GLY B 325 -25.79 -4.94 9.65
C GLY B 325 -25.87 -5.66 8.31
N ALA B 326 -26.47 -5.01 7.32
CA ALA B 326 -26.59 -5.55 5.99
C ALA B 326 -26.68 -4.40 5.00
N ASN B 327 -25.96 -4.55 3.89
CA ASN B 327 -26.12 -3.64 2.74
C ASN B 327 -26.16 -4.53 1.50
N VAL B 328 -27.30 -4.59 0.82
CA VAL B 328 -27.41 -5.28 -0.46
C VAL B 328 -27.52 -4.22 -1.55
N HIS B 329 -26.55 -4.21 -2.45
CA HIS B 329 -26.44 -3.08 -3.36
C HIS B 329 -25.61 -3.48 -4.57
N GLY B 330 -25.67 -2.63 -5.58
CA GLY B 330 -24.84 -2.81 -6.76
C GLY B 330 -23.90 -1.62 -6.95
N THR B 331 -23.23 -1.58 -8.09
CA THR B 331 -22.24 -0.57 -8.39
C THR B 331 -22.77 0.31 -9.51
N TYR B 332 -22.66 1.61 -9.34
CA TYR B 332 -22.82 2.58 -10.42
C TYR B 332 -21.45 2.94 -10.99
N THR B 333 -21.23 2.69 -12.28
CA THR B 333 -20.02 3.17 -12.93
C THR B 333 -20.33 4.41 -13.75
N ILE B 334 -19.28 5.19 -14.03
CA ILE B 334 -19.40 6.51 -14.65
C ILE B 334 -18.84 6.44 -16.05
N VAL B 335 -19.65 6.88 -17.03
CA VAL B 335 -19.17 6.92 -18.41
C VAL B 335 -18.00 7.90 -18.48
N ASP B 336 -16.87 7.43 -18.98
CA ASP B 336 -15.73 8.29 -19.20
C ASP B 336 -15.51 8.66 -20.67
N LYS B 337 -15.74 7.71 -21.58
CA LYS B 337 -15.35 7.88 -22.97
C LYS B 337 -16.22 6.99 -23.84
N ILE B 338 -16.68 7.51 -24.97
CA ILE B 338 -17.30 6.69 -26.00
C ILE B 338 -16.19 6.23 -26.93
N ILE B 339 -15.96 4.93 -27.00
CA ILE B 339 -14.89 4.36 -27.83
C ILE B 339 -15.34 4.17 -29.27
N ASP B 340 -16.46 3.48 -29.48
CA ASP B 340 -17.06 3.42 -30.80
C ASP B 340 -18.56 3.16 -30.63
N SER B 341 -19.21 2.78 -31.74
CA SER B 341 -20.66 2.67 -31.76
C SER B 341 -21.18 1.65 -30.76
N HIS B 342 -20.32 0.73 -30.30
CA HIS B 342 -20.73 -0.34 -29.40
C HIS B 342 -19.91 -0.41 -28.12
N THR B 343 -18.94 0.48 -27.93
CA THR B 343 -17.95 0.32 -26.87
C THR B 343 -17.84 1.61 -26.06
N VAL B 344 -17.92 1.47 -24.74
CA VAL B 344 -17.88 2.61 -23.82
C VAL B 344 -16.89 2.28 -22.70
N MET B 345 -16.15 3.27 -22.24
CA MET B 345 -15.24 3.10 -21.12
C MET B 345 -15.82 3.78 -19.90
N VAL B 346 -15.95 3.02 -18.81
CA VAL B 346 -16.49 3.55 -17.56
C VAL B 346 -15.41 3.56 -16.49
N LYS B 347 -15.72 4.24 -15.38
CA LYS B 347 -14.81 4.41 -14.25
C LYS B 347 -15.58 4.14 -12.96
N PHE B 348 -14.89 3.58 -11.97
CA PHE B 348 -15.47 3.46 -10.63
C PHE B 348 -15.45 4.81 -9.91
N GLY B 349 -16.43 5.02 -9.03
CA GLY B 349 -16.60 6.33 -8.42
C GLY B 349 -16.04 6.52 -7.02
N HIS B 350 -15.93 5.43 -6.26
CA HIS B 350 -15.39 5.49 -4.90
C HIS B 350 -14.10 4.69 -4.85
N PHE B 351 -13.13 5.16 -4.06
CA PHE B 351 -11.81 4.56 -4.12
C PHE B 351 -11.77 3.10 -3.67
N GLU B 352 -12.72 2.63 -2.88
CA GLU B 352 -12.68 1.22 -2.49
C GLU B 352 -13.46 0.31 -3.44
N GLN B 353 -13.87 0.83 -4.59
CA GLN B 353 -14.51 0.03 -5.62
C GLN B 353 -13.56 -0.33 -6.75
N THR B 354 -12.40 0.31 -6.84
CA THR B 354 -11.52 -0.01 -7.94
C THR B 354 -11.08 -1.47 -7.84
N GLY B 355 -10.90 -2.10 -8.99
CA GLY B 355 -10.63 -3.52 -9.04
C GLY B 355 -11.86 -4.41 -9.01
N PHE B 356 -13.05 -3.82 -8.86
CA PHE B 356 -14.28 -4.60 -8.87
C PHE B 356 -14.48 -5.20 -10.24
N GLU B 357 -15.15 -6.35 -10.29
CA GLU B 357 -15.49 -6.98 -11.56
C GLU B 357 -16.91 -6.56 -11.90
N PHE B 358 -17.04 -5.42 -12.57
CA PHE B 358 -18.36 -4.82 -12.78
C PHE B 358 -19.25 -5.70 -13.63
N THR B 359 -18.74 -6.22 -14.74
CA THR B 359 -19.63 -6.88 -15.68
C THR B 359 -18.85 -7.95 -16.42
N GLY B 360 -19.52 -8.56 -17.40
CA GLY B 360 -18.95 -9.62 -18.20
C GLY B 360 -19.95 -10.00 -19.27
N GLN B 361 -19.51 -10.92 -20.14
CA GLN B 361 -20.29 -11.35 -21.30
C GLN B 361 -21.69 -11.79 -20.90
N ASP B 362 -22.67 -11.34 -21.67
CA ASP B 362 -24.11 -11.66 -21.55
C ASP B 362 -24.79 -10.94 -20.38
N ASP B 363 -24.09 -10.11 -19.60
CA ASP B 363 -24.76 -9.26 -18.61
C ASP B 363 -25.69 -8.26 -19.33
N GLU B 364 -26.86 -8.03 -18.77
CA GLU B 364 -27.68 -6.90 -19.15
C GLU B 364 -27.33 -5.71 -18.27
N ILE B 365 -27.30 -4.51 -18.88
CA ILE B 365 -26.84 -3.28 -18.24
C ILE B 365 -27.90 -2.19 -18.46
N TRP B 366 -28.22 -1.43 -17.41
CA TRP B 366 -29.03 -0.22 -17.54
C TRP B 366 -28.15 0.98 -17.82
N PHE B 367 -28.62 1.85 -18.71
CA PHE B 367 -28.03 3.16 -18.92
C PHE B 367 -28.89 4.23 -18.25
N ILE B 368 -28.22 5.18 -17.60
CA ILE B 368 -28.85 6.34 -16.96
C ILE B 368 -28.19 7.59 -17.50
N HIS B 369 -28.99 8.48 -18.11
CA HIS B 369 -28.47 9.66 -18.78
C HIS B 369 -28.81 10.90 -17.98
N GLN B 370 -27.78 11.72 -17.65
CA GLN B 370 -28.01 13.01 -17.01
C GLN B 370 -28.99 13.85 -17.83
N PRO B 371 -29.84 14.66 -17.20
CA PRO B 371 -29.93 14.84 -15.75
C PRO B 371 -31.02 13.96 -15.13
N ASN B 372 -31.43 12.92 -15.85
CA ASN B 372 -32.57 12.09 -15.45
C ASN B 372 -32.08 10.86 -14.71
N THR B 373 -32.57 10.67 -13.48
CA THR B 373 -32.07 9.63 -12.60
C THR B 373 -32.54 8.22 -12.98
N LYS B 374 -33.56 8.09 -13.83
CA LYS B 374 -34.20 6.81 -14.08
C LYS B 374 -33.38 5.91 -15.02
N ARG B 375 -33.63 4.60 -14.91
CA ARG B 375 -33.08 3.62 -15.83
C ARG B 375 -33.72 3.81 -17.20
N GLU B 376 -32.93 4.17 -18.20
CA GLU B 376 -33.47 4.55 -19.49
C GLU B 376 -33.55 3.40 -20.48
N SER B 377 -32.48 2.63 -20.65
CA SER B 377 -32.52 1.55 -21.62
C SER B 377 -31.59 0.43 -21.18
N VAL B 378 -31.76 -0.71 -21.83
CA VAL B 378 -31.00 -1.91 -21.52
C VAL B 378 -30.18 -2.31 -22.75
N ASN B 379 -29.00 -2.85 -22.51
CA ASN B 379 -28.14 -3.42 -23.56
C ASN B 379 -27.47 -4.64 -22.96
N THR B 380 -26.85 -5.46 -23.82
CA THR B 380 -26.25 -6.71 -23.39
C THR B 380 -24.78 -6.71 -23.75
N VAL B 381 -23.95 -7.12 -22.78
CA VAL B 381 -22.50 -7.04 -22.91
C VAL B 381 -22.01 -8.16 -23.80
N GLU B 382 -21.18 -7.80 -24.79
CA GLU B 382 -20.49 -8.78 -25.60
C GLU B 382 -19.13 -9.19 -24.99
N SER B 383 -18.26 -8.22 -24.71
CA SER B 383 -16.97 -8.51 -24.10
C SER B 383 -16.51 -7.32 -23.27
N VAL B 384 -15.48 -7.56 -22.47
CA VAL B 384 -14.94 -6.58 -21.54
C VAL B 384 -13.43 -6.52 -21.68
N ASN B 385 -12.88 -5.31 -21.69
CA ASN B 385 -11.43 -5.09 -21.71
C ASN B 385 -11.14 -4.22 -20.50
N VAL B 386 -10.71 -4.87 -19.40
CA VAL B 386 -10.33 -4.20 -18.17
C VAL B 386 -9.01 -3.46 -18.41
N ILE B 387 -9.04 -2.13 -18.37
CA ILE B 387 -7.86 -1.33 -18.65
C ILE B 387 -6.95 -1.30 -17.44
N ASN B 388 -7.48 -0.90 -16.29
CA ASN B 388 -6.80 -0.96 -15.00
C ASN B 388 -7.86 -1.03 -13.92
N GLU B 389 -7.46 -0.82 -12.66
CA GLU B 389 -8.42 -1.05 -11.58
C GLU B 389 -9.54 -0.03 -11.57
N ALA B 390 -9.37 1.11 -12.25
CA ALA B 390 -10.38 2.16 -12.29
C ALA B 390 -11.28 2.09 -13.51
N TYR B 391 -10.71 1.77 -14.68
CA TYR B 391 -11.35 1.94 -15.98
C TYR B 391 -11.67 0.59 -16.60
N THR B 392 -12.92 0.43 -17.01
CA THR B 392 -13.36 -0.79 -17.68
C THR B 392 -13.91 -0.41 -19.05
N GLN B 393 -13.45 -1.11 -20.09
CA GLN B 393 -13.95 -0.92 -21.46
C GLN B 393 -14.96 -2.03 -21.77
N ILE B 394 -16.19 -1.64 -22.11
CA ILE B 394 -17.29 -2.59 -22.28
C ILE B 394 -17.79 -2.48 -23.72
N LYS B 395 -17.80 -3.62 -24.41
CA LYS B 395 -18.36 -3.71 -25.76
C LYS B 395 -19.71 -4.40 -25.64
N PHE B 396 -20.73 -3.79 -26.23
CA PHE B 396 -22.09 -4.28 -26.13
C PHE B 396 -22.50 -4.96 -27.43
N LYS B 397 -23.42 -5.92 -27.32
CA LYS B 397 -23.92 -6.61 -28.51
C LYS B 397 -24.75 -5.70 -29.39
N ASN B 398 -25.50 -4.77 -28.79
CA ASN B 398 -26.29 -3.80 -29.53
C ASN B 398 -25.63 -2.43 -29.52
N ARG B 399 -26.01 -1.61 -30.50
CA ARG B 399 -25.53 -0.24 -30.58
C ARG B 399 -25.84 0.54 -29.32
N LEU B 400 -24.89 1.38 -28.89
CA LEU B 400 -25.06 2.21 -27.70
C LEU B 400 -26.14 3.26 -27.94
N PRO B 401 -26.67 3.86 -26.88
CA PRO B 401 -27.60 4.98 -27.06
C PRO B 401 -26.91 6.20 -27.64
N LYS B 402 -27.61 6.87 -28.56
CA LYS B 402 -27.05 8.06 -29.20
C LYS B 402 -26.75 9.16 -28.19
N GLN B 403 -27.53 9.27 -27.11
CA GLN B 403 -27.35 10.34 -26.14
C GLN B 403 -26.38 9.99 -25.00
N LEU B 404 -25.68 8.85 -25.09
CA LEU B 404 -24.72 8.49 -24.05
C LEU B 404 -23.57 9.48 -24.03
N ALA B 405 -23.25 9.96 -22.83
CA ALA B 405 -22.26 11.03 -22.69
C ALA B 405 -21.43 10.80 -21.43
N LYS B 406 -20.24 11.39 -21.42
CA LYS B 406 -19.40 11.42 -20.23
C LYS B 406 -20.21 11.89 -19.02
N GLY B 407 -20.10 11.18 -17.91
CA GLY B 407 -20.86 11.50 -16.73
C GLY B 407 -22.18 10.77 -16.60
N ASP B 408 -22.64 10.10 -17.66
CA ASP B 408 -23.78 9.22 -17.51
C ASP B 408 -23.37 8.02 -16.64
N LEU B 409 -24.35 7.22 -16.23
CA LEU B 409 -24.08 6.06 -15.39
C LEU B 409 -24.49 4.77 -16.09
N LEU B 410 -23.73 3.71 -15.82
CA LEU B 410 -24.17 2.36 -16.08
C LEU B 410 -24.52 1.70 -14.76
N GLU B 411 -25.63 0.96 -14.75
CA GLU B 411 -26.01 0.07 -13.66
C GLU B 411 -26.13 -1.35 -14.20
N ASN B 412 -25.58 -2.31 -13.47
CA ASN B 412 -25.68 -3.72 -13.87
C ASN B 412 -27.07 -4.24 -13.53
N LYS B 413 -27.80 -4.70 -14.56
CA LYS B 413 -29.16 -5.17 -14.39
C LYS B 413 -29.22 -6.64 -14.04
N THR B 414 -28.40 -7.45 -14.70
CA THR B 414 -28.32 -8.87 -14.39
C THR B 414 -27.98 -9.08 -12.91
N TRP B 415 -26.92 -8.43 -12.42
CA TRP B 415 -26.41 -8.77 -11.09
C TRP B 415 -27.11 -7.95 -10.01
N ASN B 416 -28.38 -8.33 -9.78
CA ASN B 416 -29.25 -7.84 -8.71
C ASN B 416 -29.93 -9.06 -8.12
N PRO B 417 -30.01 -9.16 -6.78
CA PRO B 417 -30.65 -10.31 -6.13
C PRO B 417 -32.04 -10.05 -5.54
N THR B 418 -32.82 -11.10 -5.34
CA THR B 418 -33.88 -11.02 -4.36
C THR B 418 -33.28 -11.14 -2.98
N PHE B 419 -33.93 -10.54 -1.99
CA PHE B 419 -33.35 -10.43 -0.67
C PHE B 419 -34.43 -10.62 0.40
N THR B 420 -34.16 -11.54 1.32
CA THR B 420 -35.05 -11.82 2.46
C THR B 420 -34.24 -11.88 3.74
N MET B 421 -34.70 -11.14 4.74
CA MET B 421 -34.19 -11.23 6.10
C MET B 421 -35.37 -11.53 7.01
N ARG B 422 -35.29 -12.64 7.75
CA ARG B 422 -36.36 -13.00 8.65
C ARG B 422 -35.81 -13.62 9.92
N LYS B 423 -36.54 -13.40 11.02
CA LYS B 423 -36.23 -14.00 12.32
C LYS B 423 -34.79 -13.74 12.72
N THR B 424 -34.32 -12.53 12.43
CA THR B 424 -32.96 -12.13 12.70
C THR B 424 -32.97 -10.98 13.70
N ILE B 425 -31.94 -10.93 14.54
CA ILE B 425 -31.74 -9.85 15.50
C ILE B 425 -30.56 -8.99 15.04
N ILE B 426 -30.79 -7.68 14.94
CA ILE B 426 -29.71 -6.74 14.64
C ILE B 426 -29.82 -5.59 15.64
N LYS B 427 -28.81 -5.43 16.48
CA LYS B 427 -28.87 -4.40 17.52
C LYS B 427 -27.48 -4.05 18.01
N ASN B 428 -27.37 -2.89 18.66
CA ASN B 428 -26.20 -2.52 19.46
C ASN B 428 -24.91 -2.43 18.63
N HIS B 429 -24.98 -1.74 17.51
CA HIS B 429 -23.82 -1.56 16.67
C HIS B 429 -23.86 -0.12 16.17
N ARG B 430 -22.81 0.29 15.46
CA ARG B 430 -22.73 1.62 14.87
C ARG B 430 -23.21 1.52 13.45
N ALA B 431 -24.41 2.01 13.17
CA ALA B 431 -24.76 2.55 11.85
C ALA B 431 -26.23 2.16 11.67
N ARG B 432 -26.63 1.97 10.41
CA ARG B 432 -27.94 1.44 10.03
C ARG B 432 -28.04 -0.08 10.21
N ASN B 433 -29.22 -0.57 10.60
CA ASN B 433 -29.45 -2.01 10.66
C ASN B 433 -29.37 -2.65 9.27
N VAL B 434 -30.25 -2.22 8.36
CA VAL B 434 -30.46 -2.86 7.07
C VAL B 434 -30.50 -1.77 6.02
N VAL B 435 -29.66 -1.91 5.00
CA VAL B 435 -29.54 -0.94 3.92
C VAL B 435 -29.93 -1.66 2.63
N LEU B 436 -30.95 -1.16 1.94
CA LEU B 436 -31.62 -1.94 0.91
C LEU B 436 -31.55 -1.20 -0.41
N LYS B 437 -30.80 -1.75 -1.37
CA LYS B 437 -30.71 -1.12 -2.68
C LYS B 437 -30.83 -2.15 -3.81
N THR B 438 -31.69 -3.19 -3.63
CA THR B 438 -31.85 -3.99 -4.83
C THR B 438 -33.20 -3.71 -5.47
N PRO B 439 -33.30 -3.74 -6.81
CA PRO B 439 -34.60 -3.52 -7.47
C PRO B 439 -35.53 -4.72 -7.41
N LEU B 440 -35.06 -5.89 -7.01
CA LEU B 440 -35.86 -7.10 -7.02
C LEU B 440 -36.56 -7.28 -5.67
N LYS B 441 -37.35 -8.35 -5.55
CA LYS B 441 -38.27 -8.50 -4.44
C LYS B 441 -37.52 -8.61 -3.12
N THR B 442 -37.86 -7.73 -2.18
CA THR B 442 -37.21 -7.64 -0.88
C THR B 442 -38.23 -7.82 0.22
N VAL B 443 -37.96 -8.71 1.15
CA VAL B 443 -38.86 -8.94 2.29
C VAL B 443 -38.06 -8.87 3.58
N ILE B 444 -38.51 -8.02 4.50
CA ILE B 444 -37.91 -7.79 5.80
C ILE B 444 -39.01 -8.09 6.81
N GLU B 445 -38.94 -9.24 7.48
CA GLU B 445 -40.06 -9.64 8.31
C GLU B 445 -39.59 -10.39 9.54
N GLU B 446 -40.30 -10.16 10.65
CA GLU B 446 -40.21 -10.95 11.88
C GLU B 446 -38.83 -10.85 12.51
N ASN B 447 -38.20 -9.69 12.36
CA ASN B 447 -36.91 -9.44 12.96
C ASN B 447 -37.07 -8.56 14.18
N PHE B 448 -35.99 -8.48 14.96
CA PHE B 448 -35.86 -7.56 16.07
C PHE B 448 -34.74 -6.59 15.74
N PHE B 449 -35.07 -5.30 15.63
CA PHE B 449 -34.12 -4.28 15.23
C PHE B 449 -33.98 -3.24 16.33
N SER B 450 -32.75 -2.83 16.58
CA SER B 450 -32.40 -1.69 17.40
C SER B 450 -31.19 -1.04 16.75
N SER B 451 -31.23 0.27 16.56
CA SER B 451 -30.23 0.88 15.69
C SER B 451 -29.88 2.27 16.18
N MET B 452 -28.57 2.55 16.21
CA MET B 452 -28.07 3.89 16.52
C MET B 452 -28.51 4.90 15.46
N MET B 453 -28.30 4.56 14.20
CA MET B 453 -28.77 5.35 13.06
C MET B 453 -30.13 4.83 12.63
N SER B 454 -30.54 5.12 11.40
CA SER B 454 -31.77 4.59 10.83
C SER B 454 -31.76 3.06 10.81
N SER B 455 -32.95 2.46 11.02
CA SER B 455 -32.99 1.00 11.03
C SER B 455 -33.05 0.42 9.61
N ILE B 456 -34.04 0.81 8.83
CA ILE B 456 -34.13 0.41 7.43
C ILE B 456 -33.87 1.64 6.60
N LEU B 457 -32.77 1.63 5.83
CA LEU B 457 -32.29 2.79 5.10
C LEU B 457 -32.26 2.49 3.62
N PHE B 458 -32.72 3.44 2.81
CA PHE B 458 -32.60 3.43 1.35
C PHE B 458 -31.72 4.60 0.93
N ARG B 459 -30.62 4.31 0.24
CA ARG B 459 -29.80 5.40 -0.29
C ARG B 459 -29.11 4.92 -1.58
N GLY B 460 -29.82 5.04 -2.69
CA GLY B 460 -29.13 5.11 -3.97
C GLY B 460 -28.19 6.30 -3.94
N GLU B 461 -26.97 6.12 -4.45
CA GLU B 461 -25.91 7.08 -4.16
C GLU B 461 -25.03 7.27 -5.38
N THR B 462 -25.09 8.45 -6.01
CA THR B 462 -24.25 8.79 -7.16
C THR B 462 -23.43 10.04 -6.88
N PHE B 463 -23.12 10.27 -5.61
CA PHE B 463 -22.38 11.44 -5.17
C PHE B 463 -21.00 11.07 -4.62
N PHE B 464 -20.91 10.08 -3.73
CA PHE B 464 -19.61 9.71 -3.17
C PHE B 464 -19.36 8.21 -3.17
N TRP B 465 -20.39 7.41 -2.83
CA TRP B 465 -20.24 5.97 -2.68
C TRP B 465 -20.55 5.19 -3.95
N TYR B 466 -21.31 5.80 -4.87
CA TYR B 466 -21.61 5.21 -6.18
C TYR B 466 -22.16 3.80 -6.05
N GLU B 467 -23.23 3.69 -5.27
CA GLU B 467 -23.89 2.42 -4.99
C GLU B 467 -25.29 2.48 -5.57
N SER B 468 -25.62 1.47 -6.36
CA SER B 468 -26.85 1.47 -7.12
C SER B 468 -27.95 0.68 -6.45
N GLY B 469 -29.15 1.01 -6.92
CA GLY B 469 -30.42 0.39 -6.73
C GLY B 469 -31.49 1.32 -6.22
N ALA B 470 -32.19 1.97 -7.18
CA ALA B 470 -33.58 2.34 -6.94
C ALA B 470 -34.37 1.06 -6.78
N VAL B 471 -35.02 0.92 -5.64
CA VAL B 471 -35.80 -0.28 -5.38
C VAL B 471 -37.16 -0.19 -6.07
N GLU B 472 -37.80 -1.36 -6.25
CA GLU B 472 -39.10 -1.44 -6.92
C GLU B 472 -40.12 -2.31 -6.21
N ASP B 473 -39.73 -3.07 -5.19
CA ASP B 473 -40.65 -4.00 -4.53
C ASP B 473 -40.07 -4.37 -3.15
N VAL B 474 -40.49 -3.67 -2.10
CA VAL B 474 -39.95 -3.86 -0.75
C VAL B 474 -41.09 -4.00 0.26
N LEU B 475 -41.05 -5.05 1.07
CA LEU B 475 -42.06 -5.28 2.09
C LEU B 475 -41.37 -5.42 3.44
N ILE B 476 -41.75 -4.56 4.39
CA ILE B 476 -41.17 -4.54 5.73
C ILE B 476 -42.33 -4.71 6.70
N ARG B 477 -42.50 -5.90 7.25
CA ARG B 477 -43.70 -6.25 8.00
C ARG B 477 -43.36 -7.10 9.22
N ASN B 478 -44.19 -6.95 10.26
CA ASN B 478 -44.18 -7.81 11.45
C ASN B 478 -42.82 -7.83 12.13
N ASN B 479 -42.13 -6.69 12.10
CA ASN B 479 -40.88 -6.56 12.84
C ASN B 479 -41.13 -5.75 14.10
N THR B 480 -40.17 -5.86 15.01
CA THR B 480 -40.12 -5.06 16.23
C THR B 480 -38.91 -4.13 16.14
N PHE B 481 -39.16 -2.83 16.22
CA PHE B 481 -38.11 -1.81 16.24
C PHE B 481 -38.07 -1.25 17.66
N ASP B 482 -37.01 -1.54 18.39
CA ASP B 482 -36.93 -1.19 19.80
C ASP B 482 -35.70 -0.32 20.01
N TYR B 483 -35.91 0.97 20.30
CA TYR B 483 -34.83 1.93 20.51
C TYR B 483 -34.04 2.18 19.23
N VAL B 484 -34.58 3.01 18.34
CA VAL B 484 -34.02 3.25 17.02
C VAL B 484 -33.77 4.75 16.83
N ALA B 485 -32.70 5.06 16.09
CA ALA B 485 -32.34 6.43 15.68
C ALA B 485 -32.01 7.30 16.89
N TYR B 486 -31.19 6.75 17.79
CA TYR B 486 -30.72 7.52 18.93
C TYR B 486 -29.37 8.17 18.68
N ALA B 487 -28.91 8.20 17.43
CA ALA B 487 -27.69 8.90 17.08
C ALA B 487 -27.83 10.40 17.34
N GLY B 488 -26.67 11.07 17.43
CA GLY B 488 -26.67 12.50 17.62
C GLY B 488 -27.10 13.29 16.40
N LYS B 489 -26.90 12.73 15.22
CA LYS B 489 -27.41 13.27 13.98
C LYS B 489 -28.78 12.66 13.68
N PRO B 490 -29.63 13.35 12.91
CA PRO B 490 -31.03 12.89 12.73
C PRO B 490 -31.17 11.72 11.76
N HIS B 491 -31.90 10.69 12.21
CA HIS B 491 -32.22 9.49 11.44
C HIS B 491 -33.69 9.14 11.66
N ALA B 492 -34.13 7.98 11.16
CA ALA B 492 -35.52 7.54 11.31
C ALA B 492 -35.60 6.02 11.24
N VAL B 493 -36.68 5.46 11.80
CA VAL B 493 -36.87 4.00 11.73
C VAL B 493 -36.79 3.55 10.28
N LEU B 494 -37.58 4.19 9.42
CA LEU B 494 -37.55 3.97 7.99
C LEU B 494 -37.12 5.27 7.34
N ASN B 495 -36.04 5.22 6.57
CA ASN B 495 -35.40 6.42 6.04
C ASN B 495 -35.11 6.23 4.56
N ILE B 496 -35.89 6.89 3.72
CA ILE B 496 -35.78 6.80 2.26
C ILE B 496 -35.13 8.09 1.80
N THR B 497 -33.84 8.03 1.48
CA THR B 497 -33.05 9.25 1.29
C THR B 497 -31.94 9.02 0.27
N PRO B 498 -32.27 9.05 -1.02
CA PRO B 498 -31.23 8.97 -2.04
C PRO B 498 -30.30 10.17 -1.94
N ARG B 499 -29.09 10.00 -2.46
CA ARG B 499 -28.10 11.07 -2.46
C ARG B 499 -27.44 11.07 -3.83
N LEU B 500 -27.99 11.87 -4.73
CA LEU B 500 -27.62 11.82 -6.14
C LEU B 500 -26.81 13.05 -6.53
N SER B 501 -25.83 12.85 -7.40
CA SER B 501 -24.98 13.94 -7.86
C SER B 501 -25.79 15.10 -8.42
N LYS B 502 -25.29 16.32 -8.16
CA LYS B 502 -25.92 17.53 -8.70
C LYS B 502 -25.94 17.57 -10.22
N SER B 503 -25.25 16.64 -10.88
CA SER B 503 -25.43 16.52 -12.33
C SER B 503 -26.81 15.99 -12.70
N PHE B 504 -27.63 15.62 -11.73
CA PHE B 504 -28.94 15.06 -12.00
C PHE B 504 -29.99 15.93 -11.34
N ASN B 505 -31.20 15.91 -11.90
CA ASN B 505 -32.31 16.57 -11.22
C ASN B 505 -32.49 15.98 -9.83
N GLN B 506 -32.87 16.83 -8.88
CA GLN B 506 -32.89 16.45 -7.48
C GLN B 506 -34.30 16.19 -6.93
N ASP B 507 -35.32 16.25 -7.80
CA ASP B 507 -36.70 16.10 -7.35
C ASP B 507 -37.45 15.02 -8.12
N GLU B 508 -36.76 14.07 -8.72
CA GLU B 508 -37.42 13.02 -9.47
C GLU B 508 -37.64 11.78 -8.59
N ILE B 509 -38.76 11.10 -8.83
CA ILE B 509 -39.04 9.83 -8.13
C ILE B 509 -37.90 8.86 -8.33
N TYR B 510 -37.41 8.27 -7.23
CA TYR B 510 -36.33 7.30 -7.32
C TYR B 510 -36.79 5.92 -6.87
N ASP B 511 -37.11 5.75 -5.59
CA ASP B 511 -37.55 4.47 -5.08
C ASP B 511 -39.07 4.33 -5.25
N ARG B 512 -39.52 3.08 -5.35
CA ARG B 512 -40.92 2.81 -5.63
C ARG B 512 -41.39 1.61 -4.81
N ASN B 513 -42.68 1.63 -4.44
CA ASN B 513 -43.42 0.42 -4.04
C ASN B 513 -42.85 -0.17 -2.75
N ILE B 514 -42.70 0.68 -1.74
CA ILE B 514 -42.23 0.27 -0.42
C ILE B 514 -43.42 0.20 0.53
N ARG B 515 -43.57 -0.94 1.21
CA ARG B 515 -44.65 -1.14 2.17
C ARG B 515 -44.08 -1.40 3.55
N PHE B 516 -44.61 -0.69 4.54
CA PHE B 516 -44.15 -0.79 5.92
C PHE B 516 -45.39 -1.08 6.74
N GLU B 517 -45.59 -2.36 7.10
CA GLU B 517 -46.86 -2.89 7.60
C GLU B 517 -46.67 -3.63 8.91
N ASN B 518 -47.57 -3.37 9.87
CA ASN B 518 -47.76 -4.25 11.03
C ASN B 518 -46.47 -4.45 11.82
N ASN B 519 -45.70 -3.38 11.95
CA ASN B 519 -44.53 -3.34 12.80
C ASN B 519 -44.86 -2.69 14.14
N THR B 520 -44.06 -3.00 15.16
CA THR B 520 -44.15 -2.38 16.47
C THR B 520 -42.88 -1.59 16.71
N ILE B 521 -43.04 -0.33 17.12
CA ILE B 521 -41.93 0.59 17.35
C ILE B 521 -42.04 1.13 18.77
N ASN B 522 -41.06 0.80 19.61
CA ASN B 522 -40.87 1.46 20.89
C ASN B 522 -39.99 2.68 20.66
N SER B 523 -40.55 3.86 20.93
CA SER B 523 -39.93 5.14 20.58
C SER B 523 -39.64 5.97 21.83
N PHE B 524 -38.68 6.87 21.67
CA PHE B 524 -38.35 7.86 22.69
C PHE B 524 -38.62 9.28 22.19
N GLY B 525 -39.32 9.42 21.07
CA GLY B 525 -39.49 10.69 20.40
C GLY B 525 -38.80 10.80 19.05
N ASN B 526 -38.22 9.73 18.54
CA ASN B 526 -37.51 9.76 17.26
C ASN B 526 -38.50 9.78 16.09
N ARG B 527 -37.97 10.18 14.92
CA ARG B 527 -38.74 10.04 13.69
C ARG B 527 -39.06 8.58 13.42
N ILE B 528 -40.22 8.34 12.84
CA ILE B 528 -40.57 7.00 12.39
C ILE B 528 -40.29 6.84 10.90
N VAL B 529 -40.82 7.74 10.07
CA VAL B 529 -40.60 7.66 8.63
C VAL B 529 -40.12 9.01 8.12
N TRP B 530 -38.99 9.00 7.42
CA TRP B 530 -38.54 10.12 6.62
C TRP B 530 -38.40 9.60 5.21
N ALA B 531 -39.12 10.22 4.26
CA ALA B 531 -39.16 9.73 2.89
C ALA B 531 -38.91 10.87 1.91
N ASP B 532 -38.05 10.61 0.94
CA ASP B 532 -37.65 11.57 -0.07
C ASP B 532 -37.70 10.87 -1.42
N ARG B 533 -38.52 11.37 -2.34
CA ARG B 533 -38.57 10.90 -3.73
C ARG B 533 -39.06 9.45 -3.87
N VAL B 534 -39.98 9.02 -3.01
CA VAL B 534 -40.56 7.69 -3.14
C VAL B 534 -41.88 7.79 -3.90
N GLY B 535 -42.13 6.82 -4.77
CA GLY B 535 -43.44 6.70 -5.39
C GLY B 535 -44.11 5.42 -4.94
N GLY B 536 -45.23 5.52 -4.23
CA GLY B 536 -45.84 4.32 -3.69
C GLY B 536 -45.26 3.85 -2.37
N LEU B 537 -45.55 4.59 -1.30
CA LEU B 537 -45.19 4.21 0.06
C LEU B 537 -46.45 3.98 0.89
N THR B 538 -46.55 2.81 1.51
CA THR B 538 -47.65 2.48 2.40
C THR B 538 -47.13 2.25 3.81
N VAL B 539 -47.67 3.00 4.76
CA VAL B 539 -47.37 2.86 6.19
C VAL B 539 -48.68 2.43 6.85
N SER B 540 -48.79 1.17 7.28
CA SER B 540 -50.09 0.69 7.73
C SER B 540 -49.96 -0.35 8.84
N GLY B 541 -50.94 -0.34 9.75
CA GLY B 541 -50.98 -1.36 10.79
C GLY B 541 -49.87 -1.30 11.82
N ASN B 542 -49.16 -0.19 11.90
CA ASN B 542 -48.04 -0.05 12.81
C ASN B 542 -48.50 0.46 14.18
N THR B 543 -47.80 0.03 15.22
CA THR B 543 -48.01 0.50 16.58
C THR B 543 -46.75 1.22 17.03
N ILE B 544 -46.89 2.49 17.41
CA ILE B 544 -45.80 3.27 17.96
C ILE B 544 -46.06 3.52 19.43
N ASN B 545 -45.20 2.99 20.28
CA ASN B 545 -45.27 3.14 21.73
C ASN B 545 -44.16 4.08 22.17
N ARG B 546 -44.54 5.28 22.60
CA ARG B 546 -43.60 6.21 23.24
C ARG B 546 -43.39 5.74 24.68
N ASN B 547 -42.47 4.79 24.85
CA ASN B 547 -42.24 4.20 26.16
C ASN B 547 -40.77 4.14 26.57
N ILE B 548 -39.89 4.79 25.83
CA ILE B 548 -38.45 4.74 26.13
C ILE B 548 -38.05 6.03 26.84
N ASN B 549 -37.47 5.89 28.03
CA ASN B 549 -37.15 7.03 28.88
C ASN B 549 -35.79 7.61 28.47
N GLN B 550 -35.80 8.32 27.35
CA GLN B 550 -34.57 8.95 26.88
C GLN B 550 -34.92 10.30 26.29
N PRO B 551 -34.02 11.26 26.40
CA PRO B 551 -34.30 12.61 25.90
C PRO B 551 -34.37 12.68 24.38
N VAL B 552 -35.39 13.38 23.89
CA VAL B 552 -35.42 13.79 22.50
C VAL B 552 -34.18 14.62 22.19
N LEU B 553 -33.52 14.33 21.07
CA LEU B 553 -32.33 15.06 20.71
C LEU B 553 -32.58 16.08 19.61
N HIS B 554 -33.63 15.88 18.81
CA HIS B 554 -33.99 16.79 17.71
C HIS B 554 -35.42 17.23 17.95
N PRO B 555 -35.63 18.36 18.64
CA PRO B 555 -36.98 18.70 19.12
C PRO B 555 -37.91 19.05 17.97
N ASP B 556 -39.18 18.68 18.13
CA ASP B 556 -40.21 18.92 17.13
C ASP B 556 -39.98 18.14 15.85
N SER B 557 -39.35 16.99 15.94
CA SER B 557 -39.23 16.10 14.80
C SER B 557 -40.56 15.37 14.60
N PRO B 558 -41.17 15.45 13.42
CA PRO B 558 -42.43 14.74 13.22
C PRO B 558 -42.24 13.22 13.18
N LEU B 559 -43.33 12.51 13.48
CA LEU B 559 -43.35 11.06 13.29
C LEU B 559 -43.08 10.71 11.84
N PHE B 560 -43.72 11.43 10.91
CA PHE B 560 -43.67 11.17 9.49
C PHE B 560 -43.31 12.45 8.76
N GLU B 561 -42.43 12.33 7.78
CA GLU B 561 -42.12 13.49 6.94
C GLU B 561 -41.84 13.03 5.52
N PHE B 562 -42.53 13.64 4.58
CA PHE B 562 -42.42 13.28 3.17
C PHE B 562 -42.08 14.51 2.34
N VAL B 563 -41.12 14.37 1.43
CA VAL B 563 -40.73 15.43 0.52
C VAL B 563 -40.60 14.84 -0.87
N ASN B 564 -41.15 15.53 -1.87
CA ASN B 564 -40.99 15.20 -3.28
C ASN B 564 -41.37 13.75 -3.57
N SER B 565 -42.43 13.28 -2.93
CA SER B 565 -42.89 11.91 -3.10
C SER B 565 -44.30 11.88 -3.70
N GLU B 566 -44.73 10.67 -4.05
CA GLU B 566 -45.98 10.38 -4.75
C GLU B 566 -46.66 9.18 -4.10
N ASN B 567 -47.96 9.28 -3.90
CA ASN B 567 -48.80 8.13 -3.55
C ASN B 567 -48.36 7.49 -2.25
N ILE B 568 -48.36 8.30 -1.22
CA ILE B 568 -48.09 7.87 0.14
C ILE B 568 -49.43 7.59 0.84
N GLU B 569 -49.48 6.52 1.63
CA GLU B 569 -50.69 6.22 2.37
C GLU B 569 -50.36 5.94 3.84
N LEU B 570 -51.03 6.68 4.73
CA LEU B 570 -51.04 6.39 6.15
C LEU B 570 -52.37 5.74 6.48
N LYS B 571 -52.33 4.53 7.08
CA LYS B 571 -53.54 3.73 7.24
C LYS B 571 -53.46 2.89 8.52
N ASN B 572 -54.45 3.02 9.38
CA ASN B 572 -54.63 2.11 10.53
C ASN B 572 -53.36 1.98 11.39
N ASN B 573 -52.71 3.11 11.65
CA ASN B 573 -51.60 3.17 12.58
C ASN B 573 -52.08 3.68 13.94
N THR B 574 -51.28 3.43 14.97
CA THR B 574 -51.66 3.80 16.32
C THR B 574 -50.43 4.33 17.05
N TYR B 575 -50.58 5.47 17.73
CA TYR B 575 -49.55 6.07 18.57
C TYR B 575 -50.01 6.07 20.03
N ASN B 576 -49.16 5.58 20.93
CA ASN B 576 -49.43 5.56 22.36
C ASN B 576 -48.34 6.34 23.08
N GLY B 577 -48.73 7.37 23.86
CA GLY B 577 -47.85 8.02 24.79
C GLY B 577 -47.89 9.53 24.64
N LYS B 578 -46.84 10.18 25.15
CA LYS B 578 -46.77 11.64 25.17
C LYS B 578 -46.85 12.20 23.76
N VAL B 579 -47.54 13.33 23.63
CA VAL B 579 -47.86 13.88 22.31
C VAL B 579 -46.57 14.17 21.53
N GLN B 580 -46.63 13.95 20.22
CA GLN B 580 -45.54 14.26 19.32
C GLN B 580 -46.10 14.83 18.04
N ARG B 581 -45.40 15.81 17.46
CA ARG B 581 -45.76 16.26 16.12
C ARG B 581 -45.85 15.07 15.18
N VAL B 582 -46.89 15.05 14.35
CA VAL B 582 -47.26 13.87 13.58
C VAL B 582 -46.71 13.92 12.16
N LEU B 583 -46.87 15.03 11.47
CA LEU B 583 -46.65 15.03 10.04
C LEU B 583 -46.07 16.35 9.56
N ILE B 584 -45.07 16.26 8.69
CA ILE B 584 -44.63 17.36 7.85
C ILE B 584 -44.65 16.85 6.42
N VAL B 585 -45.20 17.64 5.51
CA VAL B 585 -45.29 17.20 4.13
C VAL B 585 -45.24 18.44 3.24
N ASP B 586 -44.44 18.39 2.18
CA ASP B 586 -44.43 19.49 1.23
C ASP B 586 -45.67 19.43 0.37
N ASP B 587 -45.89 20.51 -0.40
CA ASP B 587 -47.15 20.68 -1.12
C ASP B 587 -47.33 19.62 -2.20
N SER B 588 -46.25 19.24 -2.90
CA SER B 588 -46.40 18.26 -3.98
C SER B 588 -46.67 16.86 -3.43
N SER B 589 -46.07 16.49 -2.31
CA SER B 589 -46.39 15.18 -1.73
C SER B 589 -47.79 15.17 -1.16
N LYS B 590 -48.21 16.26 -0.50
CA LYS B 590 -49.56 16.34 0.04
C LYS B 590 -50.61 16.10 -1.04
N GLY B 591 -50.34 16.48 -2.29
CA GLY B 591 -51.33 16.31 -3.34
C GLY B 591 -51.81 14.89 -3.52
N THR B 592 -50.98 13.90 -3.19
CA THR B 592 -51.38 12.50 -3.36
C THR B 592 -51.21 11.71 -2.06
N LEU B 593 -51.21 12.38 -0.91
CA LEU B 593 -51.13 11.69 0.36
C LEU B 593 -52.53 11.25 0.82
N ILE B 594 -52.68 9.97 1.12
CA ILE B 594 -53.90 9.45 1.73
C ILE B 594 -53.61 9.23 3.21
N ASP B 595 -54.33 9.95 4.05
CA ASP B 595 -54.16 9.94 5.49
C ASP B 595 -55.53 9.72 6.10
N ASP B 596 -55.72 8.60 6.78
CA ASP B 596 -57.00 8.26 7.41
C ASP B 596 -57.12 8.82 8.83
N GLY B 597 -56.16 9.63 9.25
CA GLY B 597 -56.19 10.24 10.57
C GLY B 597 -56.06 9.29 11.74
N SER B 598 -55.59 8.06 11.53
CA SER B 598 -55.48 7.12 12.66
C SER B 598 -54.47 7.59 13.69
N ILE B 599 -53.49 8.40 13.29
CA ILE B 599 -52.60 9.07 14.23
C ILE B 599 -52.84 10.57 14.08
N LYS B 600 -53.51 11.15 15.06
CA LYS B 600 -53.95 12.54 15.02
C LYS B 600 -53.36 13.32 16.19
#